data_3E67
#
_entry.id   3E67
#
_cell.length_a   214.093
_cell.length_b   214.093
_cell.length_c   115.828
_cell.angle_alpha   90.00
_cell.angle_beta   90.00
_cell.angle_gamma   120.00
#
_symmetry.space_group_name_H-M   'P 61 2 2'
#
loop_
_entity.id
_entity.type
_entity.pdbx_description
1 polymer 'Nitric oxide synthase, inducible'
2 non-polymer 'PROTOPORPHYRIN IX CONTAINING FE'
3 non-polymer 5,6,7,8-TETRAHYDROBIOPTERIN
4 non-polymer 4-METHYLPYRIDIN-2-AMINE
5 water water
#
_entity_poly.entity_id   1
_entity_poly.type   'polypeptide(L)'
_entity_poly.pdbx_seq_one_letter_code
;LDKLHVTSTRPQYVRIKNWGSGEILHDTLHHKATSDFTCKSKSCLGSIMNPKSLTRGPRDKPTPLEELLPHAIEFINQYY
GSFKEAKIEEHLARLEAVTKEIETTGTYQLTLDELIFATKMAWRNAPRCIGRIQWSNLQVFDARNCSTAQEMFQHICRHI
LYATNNGNIRSAITVFPQRSDGKHDFRLWNSQLIRYAGYQMPDGTIRGDAATLEFTQLCIDLGWKPRYGRFDVLPLVLQA
DGQDPEVFEIPPDLVLEVTMEHPKYEWFQELGLKWYALPAVANMLLEVGGLEFPACPFNGWYMGTEIGVRDFCDTQRYNI
LEEVGRRMGLETHTLASLWKDRAVTEINVAVLHSFQKQNVTIMDHHTASESFMKHMQNEYRARGGCPADWIWLVPPVSGS
ITPVFHQEMLNYVLSPFYYYQIEPWKTHIWQNE
;
_entity_poly.pdbx_strand_id   A,B
#
loop_
_chem_comp.id
_chem_comp.type
_chem_comp.name
_chem_comp.formula
BVF non-polymer 4-METHYLPYRIDIN-2-AMINE 'C6 H8 N2'
H4B non-polymer 5,6,7,8-TETRAHYDROBIOPTERIN 'C9 H15 N5 O3'
HEM non-polymer 'PROTOPORPHYRIN IX CONTAINING FE' 'C34 H32 Fe N4 O4'
#
# COMPACT_ATOMS: atom_id res chain seq x y z
N GLN A 12 22.46 -30.43 42.20
CA GLN A 12 22.58 -31.82 41.67
C GLN A 12 21.54 -32.08 40.57
N TYR A 13 20.30 -32.32 40.96
CA TYR A 13 19.22 -32.57 40.02
C TYR A 13 17.88 -32.05 40.54
N VAL A 14 16.90 -31.90 39.66
CA VAL A 14 15.59 -31.43 40.07
C VAL A 14 14.58 -32.55 39.86
N ARG A 15 13.82 -32.84 40.90
CA ARG A 15 12.81 -33.90 40.91
C ARG A 15 11.57 -33.51 40.09
N ILE A 16 11.11 -34.45 39.27
CA ILE A 16 9.96 -34.25 38.38
C ILE A 16 8.98 -35.40 38.57
N LYS A 17 7.73 -35.07 38.85
CA LYS A 17 6.74 -36.11 39.05
C LYS A 17 5.62 -36.13 38.01
N ASN A 18 5.25 -37.33 37.60
CA ASN A 18 4.15 -37.52 36.68
C ASN A 18 2.98 -38.01 37.53
N TRP A 19 2.07 -37.11 37.88
CA TRP A 19 0.92 -37.45 38.72
C TRP A 19 -0.03 -38.49 38.12
N GLY A 20 0.26 -38.92 36.90
CA GLY A 20 -0.60 -39.92 36.29
C GLY A 20 -0.20 -41.32 36.71
N SER A 21 1.03 -41.70 36.37
CA SER A 21 1.56 -43.02 36.68
C SER A 21 2.26 -43.01 38.02
N GLY A 22 2.59 -41.82 38.49
CA GLY A 22 3.28 -41.70 39.76
C GLY A 22 4.79 -41.65 39.63
N GLU A 23 5.33 -42.05 38.48
CA GLU A 23 6.79 -42.06 38.23
C GLU A 23 7.51 -40.75 38.58
N ILE A 24 8.78 -40.89 38.93
CA ILE A 24 9.60 -39.75 39.28
C ILE A 24 10.81 -39.71 38.36
N LEU A 25 11.25 -38.49 38.05
CA LEU A 25 12.40 -38.28 37.17
C LEU A 25 13.37 -37.27 37.78
N HIS A 26 14.65 -37.41 37.45
CA HIS A 26 15.68 -36.50 37.95
C HIS A 26 16.29 -35.71 36.80
N ASP A 27 16.01 -34.42 36.74
CA ASP A 27 16.55 -33.60 35.67
C ASP A 27 17.92 -33.05 36.03
N THR A 28 18.93 -33.48 35.27
CA THR A 28 20.33 -33.04 35.47
C THR A 28 20.82 -32.34 34.21
N LEU A 29 19.91 -32.14 33.25
CA LEU A 29 20.24 -31.53 31.97
C LEU A 29 20.05 -30.02 31.95
N HIS A 30 19.20 -29.51 32.81
CA HIS A 30 18.92 -28.09 32.84
C HIS A 30 20.15 -27.26 33.21
N HIS A 31 21.16 -27.92 33.77
CA HIS A 31 22.40 -27.25 34.16
C HIS A 31 23.15 -26.68 32.96
N LYS A 32 22.82 -27.17 31.77
CA LYS A 32 23.46 -26.71 30.55
C LYS A 32 22.72 -25.54 29.88
N ALA A 33 21.77 -24.97 30.60
CA ALA A 33 20.97 -23.85 30.11
C ALA A 33 21.79 -22.57 29.95
N THR A 34 21.24 -21.60 29.23
CA THR A 34 21.94 -20.33 29.00
C THR A 34 21.39 -19.13 29.82
N SER A 35 21.04 -18.04 29.15
CA SER A 35 20.52 -16.81 29.78
C SER A 35 19.15 -16.89 30.45
N CYS A 44 11.96 -15.64 31.78
CA CYS A 44 10.83 -16.47 32.32
C CYS A 44 9.69 -15.62 32.93
N LEU A 45 8.53 -15.67 32.28
CA LEU A 45 7.30 -14.95 32.69
C LEU A 45 6.11 -15.76 32.18
N GLY A 46 5.32 -16.29 33.12
CA GLY A 46 4.13 -17.10 32.83
C GLY A 46 3.78 -17.60 31.44
N SER A 47 2.67 -17.10 30.91
CA SER A 47 2.19 -17.51 29.59
C SER A 47 2.46 -16.52 28.46
N ILE A 48 3.59 -15.81 28.53
CA ILE A 48 3.95 -14.85 27.48
C ILE A 48 4.34 -15.63 26.25
N MET A 49 3.69 -15.31 25.15
CA MET A 49 3.90 -15.98 23.88
C MET A 49 5.24 -15.69 23.20
N ASN A 50 5.63 -14.40 23.18
CA ASN A 50 6.90 -13.99 22.56
C ASN A 50 7.90 -13.33 23.54
N PRO A 51 8.39 -14.08 24.52
CA PRO A 51 9.35 -13.48 25.46
C PRO A 51 10.72 -13.29 24.77
N LYS A 52 11.42 -12.20 25.10
CA LYS A 52 12.73 -11.89 24.52
C LYS A 52 13.72 -13.05 24.69
N SER A 53 13.63 -13.73 25.82
CA SER A 53 14.51 -14.85 26.10
C SER A 53 14.45 -15.95 25.02
N LEU A 54 13.38 -15.92 24.22
CA LEU A 54 13.17 -16.88 23.13
C LEU A 54 13.36 -16.29 21.73
N THR A 55 13.82 -15.04 21.70
CA THR A 55 14.04 -14.34 20.45
C THR A 55 15.50 -13.97 20.23
N ARG A 56 15.97 -14.15 19.00
CA ARG A 56 17.34 -13.81 18.64
C ARG A 56 17.25 -12.77 17.50
N GLY A 57 17.38 -11.51 17.89
CA GLY A 57 17.28 -10.39 16.97
C GLY A 57 18.42 -10.15 15.99
N PRO A 58 18.35 -9.02 15.27
CA PRO A 58 19.33 -8.59 14.26
C PRO A 58 20.65 -8.06 14.85
N ARG A 59 21.66 -7.92 13.98
CA ARG A 59 22.99 -7.42 14.33
C ARG A 59 23.54 -6.61 13.14
N ASP A 60 24.39 -5.63 13.42
CA ASP A 60 24.99 -4.81 12.36
C ASP A 60 26.52 -4.91 12.40
N LYS A 61 27.00 -5.89 13.17
CA LYS A 61 28.42 -6.14 13.35
C LYS A 61 28.61 -7.63 13.61
N PRO A 62 29.72 -8.19 13.15
CA PRO A 62 30.01 -9.63 13.33
C PRO A 62 30.00 -10.08 14.80
N THR A 63 29.91 -11.38 15.01
CA THR A 63 29.93 -11.93 16.35
C THR A 63 31.35 -11.88 16.91
N PRO A 64 31.57 -11.16 18.02
CA PRO A 64 32.88 -11.02 18.69
C PRO A 64 33.54 -12.38 18.94
N LEU A 65 34.82 -12.47 18.60
CA LEU A 65 35.57 -13.73 18.71
C LEU A 65 35.62 -14.36 20.09
N GLU A 66 35.74 -13.51 21.10
CA GLU A 66 35.79 -13.96 22.49
C GLU A 66 34.56 -14.79 22.83
N GLU A 67 33.42 -14.46 22.22
CA GLU A 67 32.18 -15.20 22.45
C GLU A 67 32.07 -16.39 21.50
N LEU A 68 32.36 -16.14 20.23
CA LEU A 68 32.28 -17.18 19.22
C LEU A 68 33.14 -18.41 19.51
N LEU A 69 34.44 -18.20 19.71
CA LEU A 69 35.36 -19.30 19.95
C LEU A 69 34.91 -20.30 21.03
N PRO A 70 34.45 -19.81 22.18
CA PRO A 70 34.01 -20.70 23.26
C PRO A 70 32.80 -21.56 22.84
N HIS A 71 31.79 -20.93 22.23
CA HIS A 71 30.59 -21.64 21.76
C HIS A 71 30.98 -22.65 20.70
N ALA A 72 31.82 -22.21 19.76
CA ALA A 72 32.28 -23.07 18.71
C ALA A 72 32.94 -24.31 19.28
N ILE A 73 33.91 -24.11 20.17
CA ILE A 73 34.63 -25.22 20.79
C ILE A 73 33.65 -26.13 21.50
N GLU A 74 32.76 -25.52 22.27
CA GLU A 74 31.73 -26.22 23.03
C GLU A 74 30.91 -27.15 22.13
N PHE A 75 30.48 -26.63 20.97
CA PHE A 75 29.69 -27.40 20.02
C PHE A 75 30.48 -28.57 19.45
N ILE A 76 31.70 -28.30 18.99
CA ILE A 76 32.55 -29.33 18.43
C ILE A 76 32.70 -30.50 19.41
N ASN A 77 32.73 -30.17 20.70
CA ASN A 77 32.89 -31.19 21.72
C ASN A 77 31.65 -32.06 21.81
N GLN A 78 30.49 -31.42 21.65
CA GLN A 78 29.22 -32.13 21.71
C GLN A 78 29.10 -33.09 20.53
N TYR A 79 29.33 -32.57 19.33
CA TYR A 79 29.25 -33.38 18.13
C TYR A 79 30.12 -34.62 18.22
N TYR A 80 31.39 -34.45 18.53
CA TYR A 80 32.31 -35.57 18.63
C TYR A 80 32.02 -36.42 19.87
N GLY A 81 31.25 -35.85 20.78
CA GLY A 81 30.92 -36.55 21.99
C GLY A 81 29.68 -37.41 21.84
N SER A 82 29.07 -37.37 20.65
CA SER A 82 27.86 -38.15 20.40
C SER A 82 28.16 -39.53 19.86
N PHE A 83 29.22 -39.66 19.07
CA PHE A 83 29.62 -40.93 18.48
C PHE A 83 29.65 -42.06 19.51
N LYS A 84 29.20 -43.25 19.09
CA LYS A 84 29.22 -44.42 19.97
C LYS A 84 30.67 -44.87 20.12
N GLU A 85 31.38 -44.92 18.99
CA GLU A 85 32.78 -45.29 18.94
C GLU A 85 33.55 -43.98 18.78
N ALA A 86 34.11 -43.49 19.88
CA ALA A 86 34.85 -42.23 19.90
C ALA A 86 35.97 -42.13 18.87
N LYS A 87 36.09 -40.95 18.25
CA LYS A 87 37.11 -40.70 17.24
C LYS A 87 37.96 -39.53 17.73
N ILE A 88 38.70 -39.78 18.80
CA ILE A 88 39.55 -38.81 19.48
C ILE A 88 40.45 -38.01 18.55
N GLU A 89 41.14 -38.71 17.65
CA GLU A 89 42.04 -38.04 16.72
C GLU A 89 41.32 -36.94 15.95
N GLU A 90 40.29 -37.34 15.19
CA GLU A 90 39.51 -36.41 14.39
C GLU A 90 39.01 -35.24 15.24
N HIS A 91 38.54 -35.56 16.45
CA HIS A 91 38.04 -34.56 17.38
C HIS A 91 39.03 -33.40 17.57
N LEU A 92 40.22 -33.71 18.13
CA LEU A 92 41.27 -32.72 18.37
C LEU A 92 41.59 -31.97 17.08
N ALA A 93 41.60 -32.72 15.98
CA ALA A 93 41.88 -32.16 14.67
C ALA A 93 40.86 -31.07 14.31
N ARG A 94 39.57 -31.45 14.37
CA ARG A 94 38.50 -30.53 14.06
C ARG A 94 38.60 -29.31 14.97
N LEU A 95 38.89 -29.54 16.25
CA LEU A 95 39.02 -28.44 17.19
C LEU A 95 40.04 -27.39 16.71
N GLU A 96 41.25 -27.86 16.39
CA GLU A 96 42.33 -26.99 15.93
C GLU A 96 41.99 -26.31 14.60
N ALA A 97 41.49 -27.10 13.65
CA ALA A 97 41.12 -26.59 12.35
C ALA A 97 40.05 -25.51 12.47
N VAL A 98 39.11 -25.74 13.39
CA VAL A 98 38.01 -24.81 13.62
C VAL A 98 38.56 -23.50 14.17
N THR A 99 39.43 -23.61 15.17
CA THR A 99 40.05 -22.45 15.81
C THR A 99 40.78 -21.61 14.74
N LYS A 100 41.62 -22.29 13.95
CA LYS A 100 42.40 -21.64 12.90
C LYS A 100 41.51 -20.89 11.95
N GLU A 101 40.44 -21.57 11.54
CA GLU A 101 39.49 -21.01 10.61
C GLU A 101 38.86 -19.73 11.16
N ILE A 102 38.64 -19.71 12.47
CA ILE A 102 38.04 -18.55 13.10
C ILE A 102 39.03 -17.40 13.16
N GLU A 103 40.29 -17.72 13.52
CA GLU A 103 41.34 -16.70 13.60
C GLU A 103 41.53 -16.03 12.24
N THR A 104 41.67 -16.84 11.20
CA THR A 104 41.90 -16.34 9.85
C THR A 104 40.71 -15.79 9.10
N THR A 105 39.52 -16.35 9.31
CA THR A 105 38.33 -15.92 8.60
C THR A 105 37.39 -15.03 9.39
N GLY A 106 37.37 -15.24 10.70
CA GLY A 106 36.51 -14.47 11.58
C GLY A 106 35.14 -15.09 11.72
N THR A 107 35.08 -16.41 11.52
CA THR A 107 33.86 -17.21 11.61
C THR A 107 34.24 -18.62 11.17
N TYR A 108 33.27 -19.51 11.02
CA TYR A 108 33.57 -20.86 10.55
C TYR A 108 32.38 -21.59 9.91
N GLN A 109 32.67 -22.48 8.98
CA GLN A 109 31.64 -23.24 8.29
C GLN A 109 31.54 -24.63 8.89
N LEU A 110 30.32 -25.07 9.15
CA LEU A 110 30.14 -26.41 9.73
C LEU A 110 30.26 -27.47 8.65
N THR A 111 30.67 -28.67 9.03
CA THR A 111 30.73 -29.75 8.07
C THR A 111 29.28 -30.18 7.85
N LEU A 112 28.96 -30.69 6.67
CA LEU A 112 27.58 -31.11 6.41
C LEU A 112 27.07 -32.03 7.53
N ASP A 113 27.93 -32.97 7.95
CA ASP A 113 27.57 -33.91 8.99
C ASP A 113 27.23 -33.20 10.30
N GLU A 114 27.99 -32.15 10.60
CA GLU A 114 27.77 -31.35 11.81
C GLU A 114 26.45 -30.60 11.72
N LEU A 115 26.18 -29.99 10.56
CA LEU A 115 24.94 -29.25 10.36
C LEU A 115 23.72 -30.15 10.58
N ILE A 116 23.79 -31.35 10.01
CA ILE A 116 22.72 -32.31 10.17
C ILE A 116 22.52 -32.56 11.66
N PHE A 117 23.62 -32.81 12.36
CA PHE A 117 23.55 -33.05 13.79
C PHE A 117 22.95 -31.85 14.52
N ALA A 118 23.29 -30.65 14.06
CA ALA A 118 22.79 -29.42 14.66
C ALA A 118 21.29 -29.26 14.51
N THR A 119 20.76 -29.52 13.32
CA THR A 119 19.33 -29.35 13.07
C THR A 119 18.45 -30.26 13.92
N LYS A 120 18.88 -31.51 14.06
CA LYS A 120 18.15 -32.51 14.85
C LYS A 120 18.24 -32.16 16.36
N MET A 121 19.40 -31.67 16.79
CA MET A 121 19.57 -31.29 18.19
C MET A 121 18.68 -30.11 18.52
N ALA A 122 18.66 -29.11 17.64
CA ALA A 122 17.85 -27.92 17.82
C ALA A 122 16.38 -28.29 17.91
N TRP A 123 15.97 -29.25 17.08
CA TRP A 123 14.59 -29.73 17.09
C TRP A 123 14.39 -30.43 18.42
N ARG A 124 15.33 -31.31 18.74
CA ARG A 124 15.30 -32.07 19.98
C ARG A 124 15.15 -31.14 21.19
N ASN A 125 15.75 -29.95 21.09
CA ASN A 125 15.74 -28.93 22.14
C ASN A 125 14.60 -27.90 22.00
N ALA A 126 13.56 -28.23 21.22
CA ALA A 126 12.44 -27.32 21.01
C ALA A 126 11.36 -27.64 22.06
N PRO A 127 11.36 -26.89 23.17
CA PRO A 127 10.42 -27.07 24.27
C PRO A 127 8.95 -27.12 23.91
N ARG A 128 8.59 -26.45 22.82
CA ARG A 128 7.22 -26.38 22.40
C ARG A 128 6.78 -27.43 21.37
N CYS A 129 7.70 -28.28 20.94
CA CYS A 129 7.30 -29.30 19.95
C CYS A 129 6.88 -30.59 20.60
N ILE A 130 5.74 -31.12 20.17
CA ILE A 130 5.22 -32.36 20.72
C ILE A 130 5.61 -33.60 19.91
N GLY A 131 6.19 -33.40 18.73
CA GLY A 131 6.55 -34.52 17.89
C GLY A 131 8.03 -34.86 17.91
N ARG A 132 8.74 -34.37 18.92
CA ARG A 132 10.17 -34.61 19.03
C ARG A 132 10.63 -36.06 19.10
N ILE A 133 9.69 -37.01 19.07
CA ILE A 133 10.11 -38.41 19.11
C ILE A 133 10.77 -38.74 17.76
N GLN A 134 10.42 -37.94 16.76
CA GLN A 134 10.93 -38.08 15.39
C GLN A 134 12.26 -37.34 15.19
N TRP A 135 12.74 -36.66 16.23
CA TRP A 135 13.98 -35.88 16.16
C TRP A 135 15.11 -36.42 15.27
N SER A 136 15.24 -37.73 15.15
CA SER A 136 16.31 -38.27 14.31
C SER A 136 15.92 -38.42 12.83
N ASN A 137 14.62 -38.46 12.54
CA ASN A 137 14.15 -38.59 11.16
C ASN A 137 13.90 -37.23 10.55
N LEU A 138 14.95 -36.63 10.01
CA LEU A 138 14.85 -35.31 9.41
C LEU A 138 15.79 -35.19 8.23
N GLN A 139 15.24 -34.74 7.11
CA GLN A 139 16.00 -34.54 5.88
C GLN A 139 16.59 -33.13 5.88
N VAL A 140 17.86 -33.04 5.54
CA VAL A 140 18.54 -31.75 5.54
C VAL A 140 19.02 -31.32 4.15
N PHE A 141 18.56 -30.15 3.72
CA PHE A 141 18.95 -29.59 2.42
C PHE A 141 19.96 -28.47 2.63
N ASP A 142 21.18 -28.70 2.16
CA ASP A 142 22.26 -27.74 2.30
C ASP A 142 22.22 -26.65 1.24
N ALA A 143 21.58 -25.54 1.56
CA ALA A 143 21.48 -24.41 0.62
C ALA A 143 22.36 -23.25 1.09
N ARG A 144 23.45 -23.58 1.79
CA ARG A 144 24.39 -22.58 2.30
C ARG A 144 25.14 -21.80 1.21
N ASN A 145 25.21 -22.37 0.01
CA ASN A 145 25.88 -21.72 -1.10
C ASN A 145 24.92 -20.86 -1.93
N CYS A 146 23.70 -20.68 -1.44
CA CYS A 146 22.71 -19.88 -2.14
C CYS A 146 23.19 -18.42 -2.15
N SER A 147 22.58 -17.61 -3.01
CA SER A 147 22.97 -16.20 -3.10
C SER A 147 21.92 -15.24 -3.65
N THR A 148 20.92 -15.75 -4.35
CA THR A 148 19.89 -14.89 -4.90
C THR A 148 18.49 -15.31 -4.45
N ALA A 149 17.53 -14.39 -4.52
CA ALA A 149 16.16 -14.69 -4.11
C ALA A 149 15.59 -15.81 -4.95
N GLN A 150 15.76 -15.70 -6.27
CA GLN A 150 15.28 -16.71 -7.22
C GLN A 150 15.82 -18.09 -6.83
N GLU A 151 17.07 -18.11 -6.37
CA GLU A 151 17.72 -19.36 -5.94
C GLU A 151 17.08 -19.88 -4.66
N MET A 152 16.63 -18.97 -3.81
CA MET A 152 15.98 -19.37 -2.57
C MET A 152 14.67 -20.01 -2.95
N PHE A 153 13.94 -19.34 -3.84
CA PHE A 153 12.65 -19.81 -4.31
C PHE A 153 12.73 -21.22 -4.88
N GLN A 154 13.83 -21.54 -5.54
CA GLN A 154 14.01 -22.86 -6.13
C GLN A 154 14.23 -23.90 -5.05
N HIS A 155 15.05 -23.54 -4.08
CA HIS A 155 15.34 -24.46 -2.98
C HIS A 155 14.08 -24.72 -2.16
N ILE A 156 13.29 -23.68 -1.96
CA ILE A 156 12.06 -23.81 -1.21
C ILE A 156 11.09 -24.75 -1.92
N CYS A 157 10.95 -24.57 -3.23
CA CYS A 157 10.07 -25.42 -4.01
C CYS A 157 10.49 -26.87 -3.91
N ARG A 158 11.80 -27.12 -4.01
CA ARG A 158 12.33 -28.47 -3.92
C ARG A 158 11.98 -29.05 -2.54
N HIS A 159 11.99 -28.19 -1.53
CA HIS A 159 11.69 -28.56 -0.17
C HIS A 159 10.21 -28.95 -0.09
N ILE A 160 9.34 -28.03 -0.51
CA ILE A 160 7.91 -28.24 -0.51
C ILE A 160 7.57 -29.54 -1.25
N LEU A 161 8.20 -29.76 -2.39
CA LEU A 161 7.92 -30.95 -3.17
C LEU A 161 8.38 -32.22 -2.46
N TYR A 162 9.58 -32.17 -1.88
CA TYR A 162 10.12 -33.33 -1.16
C TYR A 162 9.29 -33.64 0.08
N ALA A 163 8.99 -32.61 0.88
CA ALA A 163 8.21 -32.76 2.10
C ALA A 163 6.80 -33.25 1.84
N THR A 164 6.11 -32.67 0.86
CA THR A 164 4.75 -33.04 0.54
C THR A 164 4.59 -34.50 0.14
N ASN A 165 5.59 -35.00 -0.60
CA ASN A 165 5.67 -36.38 -1.06
C ASN A 165 4.34 -37.05 -1.40
N ASN A 166 3.47 -36.31 -2.11
CA ASN A 166 2.14 -36.81 -2.50
C ASN A 166 1.27 -37.26 -1.30
N GLY A 167 1.32 -36.52 -0.19
CA GLY A 167 0.53 -36.88 0.98
C GLY A 167 1.28 -37.67 2.05
N ASN A 168 2.34 -38.39 1.68
CA ASN A 168 3.11 -39.15 2.66
C ASN A 168 4.21 -38.20 3.19
N ILE A 169 3.79 -37.21 3.97
CA ILE A 169 4.66 -36.18 4.53
C ILE A 169 6.01 -36.60 5.11
N ARG A 170 7.05 -35.87 4.75
CA ARG A 170 8.41 -36.15 5.24
C ARG A 170 8.96 -34.91 5.90
N SER A 171 9.58 -35.08 7.07
CA SER A 171 10.16 -33.96 7.80
C SER A 171 11.46 -33.51 7.14
N ALA A 172 11.58 -32.21 6.88
CA ALA A 172 12.78 -31.71 6.24
C ALA A 172 13.08 -30.27 6.63
N ILE A 173 14.31 -29.86 6.37
CA ILE A 173 14.73 -28.49 6.64
C ILE A 173 15.73 -28.01 5.57
N THR A 174 15.60 -26.76 5.15
CA THR A 174 16.50 -26.18 4.17
C THR A 174 17.32 -25.10 4.89
N VAL A 175 18.63 -25.31 5.00
CA VAL A 175 19.51 -24.35 5.67
C VAL A 175 20.15 -23.36 4.70
N PHE A 176 19.75 -22.09 4.80
CA PHE A 176 20.31 -21.05 3.96
C PHE A 176 21.60 -20.48 4.59
N PRO A 177 22.37 -19.67 3.84
CA PRO A 177 23.63 -19.08 4.34
C PRO A 177 23.55 -18.39 5.70
N GLN A 178 24.46 -18.76 6.59
CA GLN A 178 24.50 -18.19 7.95
C GLN A 178 24.73 -16.69 7.97
N ARG A 179 24.32 -16.06 9.04
CA ARG A 179 24.51 -14.62 9.19
C ARG A 179 26.02 -14.33 9.27
N SER A 180 26.45 -13.31 8.55
CA SER A 180 27.86 -12.94 8.54
C SER A 180 28.08 -11.69 9.40
N ASP A 181 27.84 -10.53 8.82
CA ASP A 181 28.02 -9.28 9.55
C ASP A 181 26.71 -8.81 10.13
N GLY A 182 25.61 -9.29 9.56
CA GLY A 182 24.29 -8.91 10.02
C GLY A 182 23.54 -8.04 9.03
N LYS A 183 24.27 -7.50 8.06
CA LYS A 183 23.68 -6.64 7.04
C LYS A 183 23.38 -7.44 5.77
N HIS A 184 23.80 -8.71 5.76
CA HIS A 184 23.61 -9.62 4.62
C HIS A 184 22.81 -10.87 5.02
N ASP A 185 21.72 -10.64 5.74
CA ASP A 185 20.87 -11.74 6.22
C ASP A 185 19.91 -12.33 5.20
N PHE A 186 19.83 -13.66 5.18
CA PHE A 186 18.89 -14.36 4.31
C PHE A 186 17.63 -14.51 5.18
N ARG A 187 16.50 -14.03 4.71
CA ARG A 187 15.27 -14.11 5.48
C ARG A 187 14.01 -14.34 4.67
N LEU A 188 13.12 -15.19 5.20
CA LEU A 188 11.83 -15.45 4.58
C LEU A 188 10.90 -14.58 5.42
N TRP A 189 10.13 -13.74 4.77
CA TRP A 189 9.21 -12.87 5.51
C TRP A 189 7.91 -13.56 5.95
N ASN A 190 7.68 -14.76 5.43
CA ASN A 190 6.48 -15.52 5.78
C ASN A 190 6.66 -16.21 7.13
N SER A 191 5.53 -16.54 7.76
CA SER A 191 5.56 -17.25 9.03
C SER A 191 5.69 -18.74 8.72
N GLN A 192 4.92 -19.19 7.74
CA GLN A 192 4.96 -20.60 7.33
C GLN A 192 5.10 -20.58 5.81
N LEU A 193 5.64 -21.64 5.22
CA LEU A 193 5.77 -21.65 3.77
C LEU A 193 4.40 -21.53 3.12
N ILE A 194 3.51 -22.47 3.40
CA ILE A 194 2.15 -22.45 2.86
C ILE A 194 1.27 -21.79 3.92
N ARG A 195 0.53 -20.77 3.52
CA ARG A 195 -0.29 -20.06 4.48
C ARG A 195 -1.38 -19.33 3.70
N TYR A 196 -2.59 -19.33 4.22
CA TYR A 196 -3.71 -18.67 3.54
C TYR A 196 -3.74 -17.16 3.78
N ALA A 197 -4.23 -16.43 2.80
CA ALA A 197 -4.33 -14.97 2.89
C ALA A 197 -5.53 -14.50 3.68
N GLY A 198 -5.41 -13.28 4.22
CA GLY A 198 -6.49 -12.70 4.99
C GLY A 198 -6.79 -11.31 4.49
N TYR A 199 -7.96 -11.10 3.92
CA TYR A 199 -8.32 -9.79 3.37
C TYR A 199 -9.31 -9.02 4.20
N GLN A 200 -9.10 -7.72 4.28
CA GLN A 200 -10.01 -6.85 5.03
C GLN A 200 -11.11 -6.43 4.03
N MET A 201 -12.22 -7.16 4.02
CA MET A 201 -13.33 -6.88 3.10
C MET A 201 -13.91 -5.48 3.23
N PRO A 202 -14.61 -5.00 2.17
CA PRO A 202 -15.24 -3.68 2.09
C PRO A 202 -16.21 -3.41 3.24
N ASP A 203 -17.08 -4.39 3.49
CA ASP A 203 -18.11 -4.34 4.53
C ASP A 203 -17.65 -4.69 5.95
N GLY A 204 -16.49 -4.16 6.36
CA GLY A 204 -15.95 -4.39 7.70
C GLY A 204 -15.54 -5.81 8.11
N THR A 205 -16.20 -6.81 7.52
CA THR A 205 -15.91 -8.22 7.83
C THR A 205 -14.59 -8.70 7.26
N ILE A 206 -13.95 -9.62 7.96
CA ILE A 206 -12.68 -10.20 7.51
C ILE A 206 -12.98 -11.44 6.67
N ARG A 207 -12.05 -11.79 5.79
CA ARG A 207 -12.24 -12.95 4.92
C ARG A 207 -10.94 -13.71 4.79
N GLY A 208 -11.01 -15.02 5.00
CA GLY A 208 -9.83 -15.87 4.92
C GLY A 208 -9.20 -16.03 6.30
N ASP A 209 -7.88 -16.09 6.34
CA ASP A 209 -7.15 -16.26 7.60
C ASP A 209 -6.84 -14.89 8.23
N ALA A 210 -7.66 -14.50 9.20
CA ALA A 210 -7.50 -13.21 9.88
C ALA A 210 -6.12 -12.96 10.48
N ALA A 211 -5.41 -14.05 10.75
CA ALA A 211 -4.09 -13.95 11.35
C ALA A 211 -3.06 -13.40 10.38
N THR A 212 -3.29 -13.61 9.09
CA THR A 212 -2.37 -13.12 8.07
C THR A 212 -2.72 -11.76 7.50
N LEU A 213 -3.59 -11.01 8.18
CA LEU A 213 -4.03 -9.66 7.75
C LEU A 213 -2.92 -8.67 7.36
N GLU A 214 -2.07 -8.34 8.34
CA GLU A 214 -0.96 -7.40 8.16
C GLU A 214 0.02 -7.87 7.09
N PHE A 215 0.43 -9.14 7.15
CA PHE A 215 1.35 -9.68 6.15
C PHE A 215 0.72 -9.70 4.77
N THR A 216 -0.59 -9.97 4.70
CA THR A 216 -1.28 -10.01 3.41
C THR A 216 -1.15 -8.65 2.74
N GLN A 217 -1.35 -7.60 3.53
CA GLN A 217 -1.24 -6.25 3.01
C GLN A 217 0.13 -6.04 2.41
N LEU A 218 1.17 -6.42 3.15
CA LEU A 218 2.55 -6.27 2.70
C LEU A 218 2.72 -6.90 1.32
N CYS A 219 2.25 -8.12 1.16
CA CYS A 219 2.34 -8.81 -0.10
C CYS A 219 1.72 -7.98 -1.22
N ILE A 220 0.61 -7.33 -0.90
CA ILE A 220 -0.12 -6.47 -1.84
C ILE A 220 0.75 -5.26 -2.17
N ASP A 221 1.29 -4.62 -1.14
CA ASP A 221 2.17 -3.46 -1.28
C ASP A 221 3.35 -3.78 -2.23
N LEU A 222 3.69 -5.07 -2.32
CA LEU A 222 4.79 -5.52 -3.17
C LEU A 222 4.31 -6.00 -4.55
N GLY A 223 3.08 -5.61 -4.90
CA GLY A 223 2.51 -5.95 -6.18
C GLY A 223 1.87 -7.32 -6.34
N TRP A 224 1.54 -7.97 -5.24
CA TRP A 224 0.90 -9.29 -5.34
C TRP A 224 -0.55 -9.12 -5.75
N LYS A 225 -1.05 -10.05 -6.55
CA LYS A 225 -2.43 -10.04 -7.01
C LYS A 225 -3.40 -10.69 -6.04
N PRO A 226 -4.14 -9.86 -5.27
CA PRO A 226 -5.11 -10.35 -4.28
C PRO A 226 -6.35 -10.96 -4.96
N ARG A 227 -6.49 -12.28 -4.82
CA ARG A 227 -7.63 -12.98 -5.41
C ARG A 227 -8.89 -13.00 -4.54
N TYR A 228 -8.86 -12.25 -3.44
CA TYR A 228 -9.97 -12.12 -2.49
C TYR A 228 -10.86 -13.35 -2.31
N GLY A 229 -10.31 -14.36 -1.64
CA GLY A 229 -11.02 -15.61 -1.39
C GLY A 229 -10.71 -16.14 -0.01
N ARG A 230 -11.46 -17.16 0.40
CA ARG A 230 -11.29 -17.77 1.72
C ARG A 230 -9.97 -18.51 1.90
N PHE A 231 -9.47 -19.13 0.84
CA PHE A 231 -8.23 -19.88 0.93
C PHE A 231 -7.21 -19.55 -0.15
N ASP A 232 -6.81 -18.29 -0.26
CA ASP A 232 -5.84 -17.91 -1.27
C ASP A 232 -4.44 -18.03 -0.70
N VAL A 233 -3.66 -18.96 -1.25
CA VAL A 233 -2.28 -19.18 -0.81
C VAL A 233 -1.39 -17.97 -1.03
N LEU A 234 -0.80 -17.50 0.07
CA LEU A 234 0.09 -16.34 0.06
C LEU A 234 1.37 -16.62 -0.72
N PRO A 235 1.99 -15.56 -1.26
CA PRO A 235 3.24 -15.68 -2.04
C PRO A 235 4.44 -15.67 -1.13
N LEU A 236 5.52 -16.31 -1.57
CA LEU A 236 6.75 -16.32 -0.80
C LEU A 236 7.45 -14.97 -0.92
N VAL A 237 7.71 -14.32 0.21
CA VAL A 237 8.39 -13.04 0.22
C VAL A 237 9.80 -13.32 0.71
N LEU A 238 10.71 -13.51 -0.24
CA LEU A 238 12.09 -13.85 0.08
C LEU A 238 13.09 -12.68 0.06
N GLN A 239 14.08 -12.77 0.94
CA GLN A 239 15.13 -11.77 1.09
C GLN A 239 16.46 -12.50 1.11
N ALA A 240 17.35 -12.16 0.17
CA ALA A 240 18.66 -12.82 0.08
C ALA A 240 19.85 -11.87 0.25
N ASP A 241 20.88 -12.35 0.95
CA ASP A 241 22.10 -11.58 1.19
C ASP A 241 21.85 -10.11 1.59
N GLY A 242 20.89 -9.90 2.48
CA GLY A 242 20.59 -8.55 2.93
C GLY A 242 19.89 -7.66 1.92
N GLN A 243 19.62 -8.15 0.72
CA GLN A 243 18.94 -7.36 -0.31
C GLN A 243 17.44 -7.20 -0.06
N ASP A 244 16.78 -6.39 -0.88
CA ASP A 244 15.34 -6.20 -0.76
C ASP A 244 14.60 -7.49 -1.09
N PRO A 245 13.43 -7.71 -0.45
CA PRO A 245 12.61 -8.90 -0.66
C PRO A 245 11.94 -8.97 -2.02
N GLU A 246 11.99 -10.14 -2.63
CA GLU A 246 11.36 -10.35 -3.92
C GLU A 246 10.19 -11.31 -3.72
N VAL A 247 9.07 -11.04 -4.38
CA VAL A 247 7.88 -11.87 -4.27
C VAL A 247 7.78 -12.95 -5.34
N PHE A 248 7.45 -14.17 -4.92
CA PHE A 248 7.29 -15.32 -5.83
C PHE A 248 6.03 -16.09 -5.43
N GLU A 249 5.19 -16.45 -6.41
CA GLU A 249 3.98 -17.20 -6.13
C GLU A 249 4.28 -18.69 -6.15
N ILE A 250 3.84 -19.43 -5.12
CA ILE A 250 4.08 -20.85 -5.04
C ILE A 250 3.28 -21.60 -6.11
N PRO A 251 3.96 -22.42 -6.92
CA PRO A 251 3.26 -23.16 -7.98
C PRO A 251 2.16 -24.02 -7.38
N PRO A 252 0.89 -23.77 -7.76
CA PRO A 252 -0.29 -24.49 -7.28
C PRO A 252 -0.17 -26.00 -7.28
N ASP A 253 0.58 -26.53 -8.22
CA ASP A 253 0.77 -27.97 -8.35
C ASP A 253 1.55 -28.50 -7.15
N LEU A 254 2.25 -27.60 -6.47
CA LEU A 254 3.06 -27.94 -5.29
C LEU A 254 2.28 -27.92 -3.98
N VAL A 255 1.30 -27.03 -3.87
CA VAL A 255 0.48 -26.90 -2.67
C VAL A 255 -0.64 -27.93 -2.55
N LEU A 256 -0.38 -29.02 -1.83
CA LEU A 256 -1.35 -30.10 -1.61
C LEU A 256 -2.33 -29.71 -0.51
N GLU A 257 -3.63 -29.84 -0.78
CA GLU A 257 -4.66 -29.49 0.19
C GLU A 257 -5.63 -30.64 0.46
N VAL A 258 -6.35 -30.55 1.58
CA VAL A 258 -7.31 -31.59 1.94
C VAL A 258 -8.69 -30.93 2.06
N THR A 259 -9.68 -31.54 1.44
CA THR A 259 -11.05 -31.02 1.48
C THR A 259 -11.72 -31.60 2.71
N MET A 260 -12.40 -30.76 3.47
CA MET A 260 -13.05 -31.27 4.68
C MET A 260 -14.39 -31.98 4.50
N GLU A 261 -14.44 -33.23 4.96
CA GLU A 261 -15.63 -34.07 4.91
C GLU A 261 -15.87 -34.76 6.24
N HIS A 262 -17.12 -34.78 6.70
CA HIS A 262 -17.47 -35.47 7.96
C HIS A 262 -18.00 -36.86 7.62
N PRO A 263 -17.56 -37.89 8.34
CA PRO A 263 -18.00 -39.27 8.08
C PRO A 263 -19.50 -39.58 8.27
N LYS A 264 -20.29 -38.60 8.70
CA LYS A 264 -21.73 -38.81 8.90
C LYS A 264 -22.51 -37.62 8.38
N TYR A 265 -22.06 -36.42 8.73
CA TYR A 265 -22.75 -35.20 8.32
C TYR A 265 -22.38 -34.80 6.89
N GLU A 266 -23.22 -35.20 5.94
CA GLU A 266 -22.98 -34.89 4.53
C GLU A 266 -23.02 -33.38 4.28
N TRP A 267 -23.64 -32.66 5.20
CA TRP A 267 -23.73 -31.22 5.08
C TRP A 267 -22.40 -30.54 5.43
N PHE A 268 -21.44 -31.33 5.91
CA PHE A 268 -20.16 -30.75 6.29
C PHE A 268 -19.41 -30.17 5.10
N GLN A 269 -19.24 -30.97 4.05
CA GLN A 269 -18.55 -30.51 2.86
C GLN A 269 -19.23 -29.28 2.25
N GLU A 270 -20.49 -29.06 2.62
CA GLU A 270 -21.26 -27.89 2.15
C GLU A 270 -20.69 -26.60 2.74
N LEU A 271 -19.77 -26.75 3.67
CA LEU A 271 -19.12 -25.62 4.33
C LEU A 271 -17.95 -25.15 3.46
N GLY A 272 -17.58 -26.00 2.50
CA GLY A 272 -16.49 -25.71 1.58
C GLY A 272 -15.15 -25.46 2.22
N LEU A 273 -14.87 -26.22 3.28
CA LEU A 273 -13.62 -26.08 4.03
C LEU A 273 -12.52 -26.95 3.48
N LYS A 274 -11.29 -26.49 3.74
CA LYS A 274 -10.10 -27.20 3.34
C LYS A 274 -8.86 -26.57 4.00
N TRP A 275 -7.77 -27.35 4.09
CA TRP A 275 -6.54 -26.84 4.68
C TRP A 275 -5.35 -27.48 3.99
N TYR A 276 -4.20 -26.80 4.04
CA TYR A 276 -2.96 -27.32 3.43
C TYR A 276 -2.37 -28.41 4.29
N ALA A 277 -1.85 -29.43 3.65
CA ALA A 277 -1.27 -30.55 4.37
C ALA A 277 0.16 -30.38 4.84
N LEU A 278 0.75 -29.21 4.59
CA LEU A 278 2.15 -29.00 4.95
C LEU A 278 2.42 -27.93 5.98
N PRO A 279 2.76 -28.37 7.20
CA PRO A 279 3.07 -27.46 8.30
C PRO A 279 4.57 -27.19 8.27
N ALA A 280 4.92 -26.02 7.76
CA ALA A 280 6.32 -25.64 7.62
C ALA A 280 6.63 -24.28 8.23
N VAL A 281 7.45 -24.30 9.28
CA VAL A 281 7.86 -23.08 9.97
C VAL A 281 8.86 -22.39 9.07
N ALA A 282 8.63 -21.11 8.82
CA ALA A 282 9.48 -20.38 7.92
C ALA A 282 10.34 -19.27 8.48
N ASN A 283 9.92 -18.67 9.60
CA ASN A 283 10.63 -17.54 10.14
C ASN A 283 11.49 -17.70 11.38
N MET A 284 11.97 -18.91 11.65
CA MET A 284 12.78 -19.11 12.84
C MET A 284 14.30 -19.17 12.59
N LEU A 285 15.07 -18.82 13.61
CA LEU A 285 16.52 -18.81 13.49
C LEU A 285 17.17 -20.02 14.16
N LEU A 286 18.16 -20.60 13.49
CA LEU A 286 18.86 -21.76 14.04
C LEU A 286 20.17 -21.33 14.67
N GLU A 287 20.30 -21.53 15.98
CA GLU A 287 21.53 -21.18 16.66
C GLU A 287 22.34 -22.45 16.91
N VAL A 288 23.63 -22.37 16.61
CA VAL A 288 24.52 -23.51 16.80
C VAL A 288 25.99 -23.07 16.82
N GLY A 289 26.68 -23.51 17.87
CA GLY A 289 28.09 -23.19 18.05
C GLY A 289 28.43 -21.74 17.80
N GLY A 290 27.57 -20.84 18.25
CA GLY A 290 27.84 -19.43 18.05
C GLY A 290 27.47 -18.89 16.69
N LEU A 291 27.05 -19.80 15.80
CA LEU A 291 26.64 -19.41 14.46
C LEU A 291 25.14 -19.20 14.43
N GLU A 292 24.70 -18.30 13.57
CA GLU A 292 23.28 -18.02 13.44
C GLU A 292 22.81 -18.22 12.01
N PHE A 293 21.64 -18.84 11.87
CA PHE A 293 21.03 -19.11 10.57
C PHE A 293 19.64 -18.50 10.53
N PRO A 294 19.56 -17.22 10.14
CA PRO A 294 18.32 -16.46 10.04
C PRO A 294 17.25 -17.00 9.11
N ALA A 295 17.63 -17.94 8.23
CA ALA A 295 16.69 -18.55 7.29
C ALA A 295 16.95 -20.04 7.21
N CYS A 296 16.01 -20.82 7.73
CA CYS A 296 16.13 -22.28 7.74
C CYS A 296 14.76 -22.90 7.95
N PRO A 297 13.87 -22.74 6.96
CA PRO A 297 12.52 -23.28 7.06
C PRO A 297 12.50 -24.80 7.26
N PHE A 298 11.67 -25.24 8.19
CA PHE A 298 11.56 -26.66 8.50
C PHE A 298 10.11 -27.10 8.56
N ASN A 299 9.88 -28.38 8.36
CA ASN A 299 8.51 -28.91 8.38
C ASN A 299 8.41 -30.30 9.00
N GLY A 300 7.20 -30.62 9.41
CA GLY A 300 6.89 -31.92 9.96
C GLY A 300 5.53 -32.23 9.34
N TRP A 301 4.69 -32.97 10.07
CA TRP A 301 3.34 -33.27 9.63
C TRP A 301 2.40 -32.76 10.69
N TYR A 302 1.18 -32.43 10.28
CA TYR A 302 0.16 -31.91 11.19
C TYR A 302 -0.34 -32.88 12.28
N MET A 303 -0.95 -32.28 13.29
CA MET A 303 -1.57 -33.00 14.39
C MET A 303 -2.98 -32.46 14.36
N GLY A 304 -3.97 -33.34 14.30
CA GLY A 304 -5.36 -32.92 14.22
C GLY A 304 -5.81 -31.58 14.78
N THR A 305 -5.67 -31.45 16.10
CA THR A 305 -6.09 -30.26 16.82
C THR A 305 -5.56 -28.94 16.29
N GLU A 306 -4.43 -28.98 15.61
CA GLU A 306 -3.84 -27.76 15.06
C GLU A 306 -4.83 -27.11 14.09
N ILE A 307 -5.36 -27.94 13.18
CA ILE A 307 -6.28 -27.47 12.19
C ILE A 307 -7.70 -27.37 12.71
N GLY A 308 -8.20 -28.49 13.21
CA GLY A 308 -9.56 -28.52 13.69
C GLY A 308 -9.89 -27.63 14.87
N VAL A 309 -8.94 -27.43 15.77
CA VAL A 309 -9.22 -26.62 16.94
C VAL A 309 -8.74 -25.19 16.82
N ARG A 310 -7.46 -25.00 16.52
CA ARG A 310 -6.92 -23.65 16.44
C ARG A 310 -7.26 -22.91 15.15
N ASP A 311 -6.85 -23.45 14.01
CA ASP A 311 -7.12 -22.85 12.71
C ASP A 311 -8.61 -22.60 12.41
N PHE A 312 -9.45 -23.62 12.63
CA PHE A 312 -10.89 -23.50 12.35
C PHE A 312 -11.73 -22.86 13.45
N CYS A 313 -11.47 -23.22 14.72
CA CYS A 313 -12.28 -22.70 15.81
C CYS A 313 -11.88 -21.42 16.52
N ASP A 314 -10.61 -21.02 16.48
CA ASP A 314 -10.20 -19.78 17.14
C ASP A 314 -11.02 -18.61 16.60
N THR A 315 -11.46 -17.72 17.50
CA THR A 315 -12.24 -16.57 17.06
C THR A 315 -11.43 -15.65 16.14
N GLN A 316 -10.12 -15.59 16.38
CA GLN A 316 -9.22 -14.75 15.61
C GLN A 316 -8.73 -15.44 14.32
N ARG A 317 -9.35 -16.56 13.97
CA ARG A 317 -8.98 -17.29 12.75
C ARG A 317 -10.24 -17.46 11.89
N TYR A 318 -10.52 -18.69 11.51
CA TYR A 318 -11.68 -18.94 10.66
C TYR A 318 -13.02 -18.97 11.40
N ASN A 319 -12.97 -19.06 12.73
CA ASN A 319 -14.16 -19.03 13.59
C ASN A 319 -15.40 -19.78 13.05
N ILE A 320 -15.26 -21.06 12.73
CA ILE A 320 -16.40 -21.83 12.22
C ILE A 320 -17.22 -22.52 13.32
N LEU A 321 -16.92 -22.26 14.58
CA LEU A 321 -17.62 -22.90 15.68
C LEU A 321 -19.14 -22.64 15.78
N GLU A 322 -19.52 -21.38 15.82
CA GLU A 322 -20.94 -21.04 15.91
C GLU A 322 -21.74 -21.55 14.69
N GLU A 323 -21.07 -21.59 13.53
CA GLU A 323 -21.69 -22.06 12.28
C GLU A 323 -21.92 -23.56 12.32
N VAL A 324 -20.91 -24.32 12.74
CA VAL A 324 -21.02 -25.79 12.82
C VAL A 324 -22.00 -26.17 13.91
N GLY A 325 -22.21 -25.25 14.85
CA GLY A 325 -23.15 -25.49 15.92
C GLY A 325 -24.57 -25.59 15.40
N ARG A 326 -25.06 -24.53 14.77
CA ARG A 326 -26.43 -24.49 14.24
C ARG A 326 -26.78 -25.72 13.42
N ARG A 327 -25.91 -26.03 12.47
CA ARG A 327 -26.12 -27.16 11.58
C ARG A 327 -26.23 -28.50 12.30
N MET A 328 -25.70 -28.56 13.52
CA MET A 328 -25.76 -29.78 14.32
C MET A 328 -27.06 -29.85 15.13
N GLY A 329 -27.78 -28.74 15.16
CA GLY A 329 -29.03 -28.65 15.91
C GLY A 329 -28.80 -28.55 17.40
N LEU A 330 -27.81 -27.75 17.81
CA LEU A 330 -27.47 -27.57 19.22
C LEU A 330 -27.98 -26.25 19.78
N GLU A 331 -28.10 -26.17 21.11
CA GLU A 331 -28.56 -24.97 21.79
C GLU A 331 -27.39 -23.98 21.85
N THR A 332 -27.05 -23.44 20.70
CA THR A 332 -25.94 -22.50 20.53
C THR A 332 -26.09 -21.18 21.28
N HIS A 333 -27.12 -21.08 22.11
CA HIS A 333 -27.38 -19.87 22.91
C HIS A 333 -27.36 -20.18 24.40
N THR A 334 -27.11 -21.45 24.73
CA THR A 334 -27.03 -21.91 26.11
C THR A 334 -25.64 -22.53 26.33
N LEU A 335 -24.70 -21.73 26.81
CA LEU A 335 -23.33 -22.20 27.06
C LEU A 335 -23.28 -23.51 27.84
N ALA A 336 -24.04 -23.57 28.92
CA ALA A 336 -24.11 -24.76 29.78
C ALA A 336 -24.49 -26.05 29.02
N SER A 337 -25.06 -25.92 27.81
CA SER A 337 -25.44 -27.10 27.02
C SER A 337 -24.23 -27.86 26.50
N LEU A 338 -23.05 -27.24 26.65
CA LEU A 338 -21.78 -27.80 26.19
C LEU A 338 -21.76 -28.03 24.68
N TRP A 339 -22.44 -27.15 23.95
CA TRP A 339 -22.51 -27.28 22.50
C TRP A 339 -21.16 -27.04 21.87
N LYS A 340 -20.40 -26.13 22.46
CA LYS A 340 -19.10 -25.88 21.92
C LYS A 340 -18.24 -27.14 21.98
N ASP A 341 -18.33 -27.88 23.08
CA ASP A 341 -17.54 -29.11 23.26
C ASP A 341 -17.94 -30.15 22.23
N ARG A 342 -19.24 -30.30 22.03
CA ARG A 342 -19.75 -31.27 21.07
C ARG A 342 -19.27 -30.98 19.66
N ALA A 343 -19.40 -29.71 19.24
CA ALA A 343 -19.04 -29.27 17.89
C ALA A 343 -17.59 -29.49 17.53
N VAL A 344 -16.72 -28.84 18.31
CA VAL A 344 -15.29 -28.90 18.10
C VAL A 344 -14.83 -30.32 17.93
N THR A 345 -15.47 -31.26 18.64
CA THR A 345 -15.07 -32.65 18.52
C THR A 345 -15.39 -33.22 17.15
N GLU A 346 -16.53 -32.82 16.60
CA GLU A 346 -16.95 -33.25 15.26
C GLU A 346 -16.09 -32.59 14.19
N ILE A 347 -15.71 -31.33 14.40
CA ILE A 347 -14.85 -30.63 13.47
C ILE A 347 -13.50 -31.36 13.44
N ASN A 348 -13.09 -31.82 14.61
CA ASN A 348 -11.84 -32.55 14.73
C ASN A 348 -11.96 -33.90 14.03
N VAL A 349 -13.12 -34.53 14.18
CA VAL A 349 -13.36 -35.82 13.55
C VAL A 349 -13.23 -35.63 12.05
N ALA A 350 -13.77 -34.51 11.56
CA ALA A 350 -13.75 -34.18 10.16
C ALA A 350 -12.32 -34.14 9.63
N VAL A 351 -11.49 -33.32 10.28
CA VAL A 351 -10.10 -33.13 9.88
C VAL A 351 -9.38 -34.45 9.73
N LEU A 352 -9.34 -35.21 10.83
CA LEU A 352 -8.68 -36.51 10.84
C LEU A 352 -9.21 -37.40 9.74
N HIS A 353 -10.54 -37.47 9.64
CA HIS A 353 -11.20 -38.29 8.63
C HIS A 353 -10.78 -37.90 7.21
N SER A 354 -10.94 -36.61 6.88
CA SER A 354 -10.58 -36.06 5.59
C SER A 354 -9.15 -36.31 5.21
N PHE A 355 -8.25 -36.20 6.18
CA PHE A 355 -6.83 -36.45 5.94
C PHE A 355 -6.59 -37.94 5.68
N GLN A 356 -7.19 -38.79 6.52
CA GLN A 356 -7.02 -40.24 6.40
C GLN A 356 -7.52 -40.77 5.06
N LYS A 357 -8.67 -40.24 4.65
CA LYS A 357 -9.33 -40.64 3.43
C LYS A 357 -8.51 -40.28 2.20
N GLN A 358 -8.05 -39.04 2.19
CA GLN A 358 -7.25 -38.53 1.08
C GLN A 358 -5.78 -38.90 1.13
N ASN A 359 -5.45 -39.88 1.98
CA ASN A 359 -4.08 -40.39 2.16
C ASN A 359 -3.00 -39.36 2.51
N VAL A 360 -3.33 -38.48 3.44
CA VAL A 360 -2.38 -37.47 3.85
C VAL A 360 -2.01 -37.68 5.31
N THR A 361 -0.71 -37.85 5.56
CA THR A 361 -0.19 -38.05 6.90
C THR A 361 -0.74 -37.02 7.92
N ILE A 362 -1.17 -37.53 9.06
CA ILE A 362 -1.66 -36.71 10.15
C ILE A 362 -1.75 -37.58 11.41
N MET A 363 -1.67 -36.95 12.58
CA MET A 363 -1.75 -37.67 13.85
C MET A 363 -2.68 -36.98 14.80
N ASP A 364 -3.55 -37.75 15.45
CA ASP A 364 -4.49 -37.18 16.41
C ASP A 364 -3.69 -36.83 17.66
N HIS A 365 -4.22 -35.86 18.42
CA HIS A 365 -3.55 -35.39 19.62
C HIS A 365 -3.30 -36.43 20.69
N HIS A 366 -4.25 -37.35 20.85
CA HIS A 366 -4.11 -38.40 21.86
C HIS A 366 -2.89 -39.26 21.54
N THR A 367 -2.83 -39.77 20.31
CA THR A 367 -1.72 -40.61 19.92
C THR A 367 -0.41 -39.82 20.01
N ALA A 368 -0.50 -38.51 19.78
CA ALA A 368 0.67 -37.64 19.81
C ALA A 368 1.22 -37.49 21.21
N SER A 369 0.29 -37.31 22.15
CA SER A 369 0.63 -37.13 23.55
C SER A 369 1.36 -38.32 24.08
N GLU A 370 0.85 -39.52 23.82
CA GLU A 370 1.52 -40.72 24.33
C GLU A 370 2.91 -40.77 23.78
N SER A 371 2.99 -40.45 22.48
CA SER A 371 4.25 -40.45 21.74
C SER A 371 5.27 -39.55 22.44
N PHE A 372 4.85 -38.37 22.85
CA PHE A 372 5.74 -37.45 23.53
C PHE A 372 6.20 -38.02 24.87
N MET A 373 5.29 -38.64 25.61
CA MET A 373 5.62 -39.25 26.88
C MET A 373 6.71 -40.29 26.68
N LYS A 374 6.58 -41.09 25.63
CA LYS A 374 7.59 -42.09 25.32
C LYS A 374 8.93 -41.39 25.05
N HIS A 375 8.86 -40.28 24.33
CA HIS A 375 10.06 -39.52 24.00
C HIS A 375 10.74 -38.94 25.22
N MET A 376 9.96 -38.19 26.00
CA MET A 376 10.44 -37.56 27.23
C MET A 376 11.14 -38.58 28.11
N GLN A 377 10.51 -39.74 28.23
CA GLN A 377 11.02 -40.85 29.00
C GLN A 377 12.36 -41.33 28.42
N ASN A 378 12.45 -41.41 27.09
CA ASN A 378 13.68 -41.84 26.42
C ASN A 378 14.78 -40.82 26.61
N GLU A 379 14.41 -39.55 26.65
CA GLU A 379 15.37 -38.47 26.82
C GLU A 379 16.04 -38.47 28.18
N TYR A 380 15.24 -38.62 29.24
CA TYR A 380 15.79 -38.63 30.60
C TYR A 380 16.78 -39.79 30.79
N ARG A 381 16.56 -40.89 30.08
CA ARG A 381 17.48 -41.99 30.18
C ARG A 381 18.75 -41.65 29.42
N ALA A 382 18.59 -41.28 28.16
CA ALA A 382 19.70 -40.94 27.26
C ALA A 382 20.54 -39.74 27.68
N ARG A 383 19.92 -38.78 28.36
CA ARG A 383 20.68 -37.62 28.80
C ARG A 383 20.15 -36.88 30.02
N GLY A 384 19.25 -37.52 30.76
CA GLY A 384 18.72 -36.92 31.97
C GLY A 384 18.05 -35.57 31.84
N GLY A 385 17.07 -35.49 30.95
CA GLY A 385 16.38 -34.24 30.78
C GLY A 385 15.71 -34.09 29.43
N CYS A 386 14.76 -33.16 29.37
CA CYS A 386 14.03 -32.85 28.14
C CYS A 386 13.32 -31.53 28.32
N PRO A 387 13.84 -30.46 27.70
CA PRO A 387 13.23 -29.13 27.80
C PRO A 387 11.78 -29.18 27.28
N ALA A 388 10.82 -28.79 28.12
CA ALA A 388 9.42 -28.87 27.74
C ALA A 388 8.53 -27.75 28.23
N ASP A 389 7.84 -27.08 27.30
CA ASP A 389 6.93 -25.98 27.66
C ASP A 389 5.54 -26.63 27.76
N TRP A 390 5.15 -26.90 28.99
CA TRP A 390 3.87 -27.53 29.29
C TRP A 390 2.74 -26.81 28.59
N ILE A 391 2.75 -25.47 28.67
CA ILE A 391 1.71 -24.62 28.08
C ILE A 391 1.54 -24.85 26.58
N TRP A 392 2.60 -25.29 25.94
CA TRP A 392 2.48 -25.53 24.53
C TRP A 392 2.23 -26.99 24.21
N LEU A 393 2.75 -27.88 25.06
CA LEU A 393 2.63 -29.33 24.83
C LEU A 393 1.26 -29.91 25.03
N VAL A 394 0.52 -29.35 25.98
CA VAL A 394 -0.82 -29.84 26.23
C VAL A 394 -1.76 -29.29 25.15
N PRO A 395 -2.39 -30.21 24.37
CA PRO A 395 -3.34 -29.92 23.28
C PRO A 395 -4.44 -28.94 23.71
N PRO A 396 -4.95 -28.16 22.75
CA PRO A 396 -6.00 -27.14 22.90
C PRO A 396 -7.41 -27.68 23.22
N VAL A 397 -7.53 -29.02 23.34
CA VAL A 397 -8.77 -29.70 23.77
C VAL A 397 -8.43 -30.97 24.53
N SER A 398 -9.32 -31.35 25.47
CA SER A 398 -9.17 -32.56 26.30
C SER A 398 -7.79 -32.73 26.94
N GLY A 399 -7.37 -31.66 27.61
CA GLY A 399 -6.08 -31.60 28.26
C GLY A 399 -5.77 -32.73 29.21
N SER A 400 -6.52 -32.79 30.31
CA SER A 400 -6.29 -33.82 31.30
C SER A 400 -6.58 -35.23 30.83
N ILE A 401 -7.23 -35.33 29.67
CA ILE A 401 -7.55 -36.61 29.08
C ILE A 401 -6.26 -37.19 28.51
N THR A 402 -5.33 -36.31 28.15
CA THR A 402 -4.03 -36.76 27.61
C THR A 402 -3.03 -36.86 28.76
N PRO A 403 -2.07 -37.78 28.67
CA PRO A 403 -1.06 -37.96 29.72
C PRO A 403 -0.14 -36.76 29.97
N VAL A 404 0.09 -35.98 28.92
CA VAL A 404 0.97 -34.82 28.99
C VAL A 404 0.59 -33.80 30.05
N PHE A 405 -0.71 -33.69 30.28
CA PHE A 405 -1.27 -32.76 31.25
C PHE A 405 -0.77 -33.02 32.67
N HIS A 406 -0.67 -34.30 33.01
CA HIS A 406 -0.26 -34.71 34.35
C HIS A 406 1.22 -34.83 34.56
N GLN A 407 2.00 -34.55 33.52
CA GLN A 407 3.45 -34.63 33.59
C GLN A 407 4.09 -33.27 33.89
N GLU A 408 4.79 -33.18 35.01
CA GLU A 408 5.50 -31.96 35.40
C GLU A 408 6.69 -31.86 34.47
N MET A 409 6.98 -30.65 34.01
CA MET A 409 8.09 -30.45 33.08
C MET A 409 8.90 -29.20 33.39
N LEU A 410 10.17 -29.26 33.00
CA LEU A 410 11.08 -28.13 33.15
C LEU A 410 11.32 -27.53 31.77
N ASN A 411 11.22 -26.22 31.69
CA ASN A 411 11.41 -25.52 30.42
C ASN A 411 12.72 -24.71 30.43
N TYR A 412 13.72 -25.14 29.67
CA TYR A 412 14.99 -24.41 29.61
C TYR A 412 15.55 -24.35 28.20
N VAL A 413 16.29 -23.28 27.91
CA VAL A 413 16.88 -23.08 26.59
C VAL A 413 18.30 -23.65 26.45
N LEU A 414 18.42 -24.76 25.74
CA LEU A 414 19.71 -25.38 25.51
C LEU A 414 20.32 -24.83 24.21
N SER A 415 21.24 -25.60 23.63
CA SER A 415 21.90 -25.24 22.38
C SER A 415 22.47 -26.52 21.73
N PRO A 416 22.28 -26.68 20.41
CA PRO A 416 21.59 -25.81 19.44
C PRO A 416 20.11 -25.52 19.79
N PHE A 417 19.59 -24.44 19.22
CA PHE A 417 18.23 -24.04 19.50
C PHE A 417 17.61 -23.30 18.32
N TYR A 418 16.28 -23.33 18.25
CA TYR A 418 15.54 -22.64 17.20
C TYR A 418 14.87 -21.44 17.85
N TYR A 419 15.40 -20.25 17.60
CA TYR A 419 14.84 -19.03 18.18
C TYR A 419 13.82 -18.33 17.29
N TYR A 420 13.06 -17.42 17.92
CA TYR A 420 12.10 -16.60 17.22
C TYR A 420 12.89 -15.39 16.70
N GLN A 421 12.36 -14.70 15.70
CA GLN A 421 13.08 -13.54 15.20
C GLN A 421 12.13 -12.35 15.13
N ILE A 422 12.70 -11.15 15.16
CA ILE A 422 11.88 -9.94 15.06
C ILE A 422 11.39 -9.88 13.62
N GLU A 423 10.10 -9.60 13.44
CA GLU A 423 9.52 -9.51 12.12
C GLU A 423 10.38 -8.58 11.24
N PRO A 424 10.95 -9.13 10.16
CA PRO A 424 11.81 -8.47 9.18
C PRO A 424 11.38 -7.10 8.66
N TRP A 425 10.09 -6.93 8.38
CA TRP A 425 9.63 -5.65 7.86
C TRP A 425 9.72 -4.50 8.85
N LYS A 426 10.05 -4.81 10.09
CA LYS A 426 10.18 -3.77 11.10
C LYS A 426 11.60 -3.29 11.27
N THR A 427 12.57 -4.13 10.90
CA THR A 427 13.98 -3.77 11.04
C THR A 427 14.74 -3.63 9.72
N HIS A 428 14.06 -3.89 8.62
CA HIS A 428 14.68 -3.82 7.30
C HIS A 428 14.80 -2.40 6.77
N ILE A 429 16.03 -2.02 6.39
CA ILE A 429 16.31 -0.71 5.83
C ILE A 429 16.23 -0.83 4.31
N TRP A 430 15.13 -0.34 3.76
CA TRP A 430 14.88 -0.42 2.32
C TRP A 430 15.86 0.34 1.43
N GLN A 431 16.09 -0.21 0.23
CA GLN A 431 16.99 0.39 -0.74
C GLN A 431 16.19 1.29 -1.70
N ASN A 432 15.33 0.66 -2.50
CA ASN A 432 14.49 1.38 -3.46
C ASN A 432 13.13 1.76 -2.86
N GLN B 12 4.72 44.65 -37.84
CA GLN B 12 5.37 43.44 -37.25
C GLN B 12 4.41 42.71 -36.30
N TYR B 13 3.25 42.35 -36.83
CA TYR B 13 2.24 41.62 -36.07
C TYR B 13 1.95 40.30 -36.77
N VAL B 14 0.89 39.60 -36.34
CA VAL B 14 0.52 38.34 -36.97
C VAL B 14 -0.96 38.41 -37.27
N ARG B 15 -1.29 38.28 -38.55
CA ARG B 15 -2.66 38.36 -39.02
C ARG B 15 -3.42 37.09 -38.63
N ILE B 16 -4.60 37.28 -38.01
CA ILE B 16 -5.48 36.21 -37.55
C ILE B 16 -6.86 36.36 -38.16
N LYS B 17 -7.40 35.29 -38.73
CA LYS B 17 -8.70 35.39 -39.37
C LYS B 17 -9.78 34.52 -38.72
N ASN B 18 -10.99 35.03 -38.69
CA ASN B 18 -12.12 34.30 -38.14
C ASN B 18 -13.00 33.98 -39.33
N TRP B 19 -12.78 32.82 -39.92
CA TRP B 19 -13.54 32.40 -41.10
C TRP B 19 -15.06 32.46 -40.96
N GLY B 20 -15.54 32.74 -39.76
CA GLY B 20 -16.98 32.82 -39.56
C GLY B 20 -17.55 34.18 -39.92
N SER B 21 -16.81 35.23 -39.59
CA SER B 21 -17.25 36.60 -39.85
C SER B 21 -16.23 37.39 -40.63
N GLY B 22 -15.31 36.70 -41.32
CA GLY B 22 -14.28 37.39 -42.09
C GLY B 22 -13.38 38.32 -41.29
N GLU B 23 -13.72 38.52 -40.01
CA GLU B 23 -12.98 39.37 -39.09
C GLU B 23 -11.47 39.08 -39.08
N ILE B 24 -10.68 40.14 -39.02
CA ILE B 24 -9.23 40.00 -38.99
C ILE B 24 -8.68 40.69 -37.76
N LEU B 25 -7.64 40.11 -37.19
CA LEU B 25 -6.99 40.65 -36.00
C LEU B 25 -5.48 40.64 -36.16
N HIS B 26 -4.82 41.58 -35.49
CA HIS B 26 -3.37 41.70 -35.57
C HIS B 26 -2.73 41.45 -34.20
N ASP B 27 -2.26 40.23 -33.95
CA ASP B 27 -1.64 39.93 -32.67
C ASP B 27 -0.28 40.60 -32.53
N THR B 28 -0.15 41.48 -31.55
CA THR B 28 1.11 42.17 -31.29
C THR B 28 1.65 41.69 -29.95
N LEU B 29 0.78 41.05 -29.18
CA LEU B 29 1.12 40.56 -27.84
C LEU B 29 2.05 39.37 -27.79
N HIS B 30 2.06 38.56 -28.84
CA HIS B 30 2.92 37.38 -28.87
C HIS B 30 4.41 37.72 -28.73
N HIS B 31 4.76 38.99 -28.95
CA HIS B 31 6.15 39.42 -28.81
C HIS B 31 6.61 39.28 -27.37
N LYS B 32 5.74 39.67 -26.45
CA LYS B 32 6.05 39.60 -25.03
C LYS B 32 5.94 38.18 -24.51
N ALA B 33 5.96 37.23 -25.43
CA ALA B 33 5.88 35.82 -25.10
C ALA B 33 7.16 35.30 -24.50
N THR B 34 7.75 36.10 -23.63
CA THR B 34 9.01 35.78 -22.95
C THR B 34 9.01 34.33 -22.42
N SER B 35 9.33 33.40 -23.31
CA SER B 35 9.38 31.97 -23.01
C SER B 35 10.01 31.21 -24.19
N CYS B 44 5.67 25.80 -30.97
CA CYS B 44 4.66 24.78 -30.58
C CYS B 44 5.16 23.33 -30.66
N LEU B 45 4.20 22.39 -30.75
CA LEU B 45 4.44 20.96 -30.83
C LEU B 45 3.11 20.16 -30.80
N GLY B 46 2.32 20.23 -31.87
CA GLY B 46 1.04 19.50 -31.97
C GLY B 46 0.04 19.43 -30.82
N SER B 47 -0.57 18.26 -30.65
CA SER B 47 -1.58 18.01 -29.63
C SER B 47 -1.09 17.21 -28.41
N ILE B 48 -0.11 17.75 -27.70
CA ILE B 48 0.43 17.08 -26.52
C ILE B 48 -0.24 17.68 -25.30
N MET B 49 -0.63 16.83 -24.35
CA MET B 49 -1.29 17.32 -23.13
C MET B 49 -0.36 17.96 -22.09
N ASN B 50 0.68 17.23 -21.68
CA ASN B 50 1.63 17.73 -20.68
C ASN B 50 3.05 17.95 -21.20
N PRO B 51 3.23 18.90 -22.15
CA PRO B 51 4.58 19.15 -22.66
C PRO B 51 5.43 19.86 -21.61
N LYS B 52 6.75 19.72 -21.68
CA LYS B 52 7.65 20.35 -20.71
C LYS B 52 7.56 21.87 -20.73
N SER B 53 7.23 22.44 -21.88
CA SER B 53 7.09 23.89 -22.00
C SER B 53 5.99 24.44 -21.11
N LEU B 54 5.03 23.59 -20.74
CA LEU B 54 3.92 24.00 -19.89
C LEU B 54 4.00 23.43 -18.47
N THR B 55 5.22 23.11 -18.06
CA THR B 55 5.43 22.55 -16.73
C THR B 55 6.59 23.25 -16.03
N ARG B 56 6.37 23.60 -14.76
CA ARG B 56 7.42 24.23 -13.96
C ARG B 56 7.71 23.24 -12.82
N GLY B 57 8.78 22.45 -13.02
CA GLY B 57 9.18 21.43 -12.07
C GLY B 57 9.83 21.87 -10.78
N PRO B 58 10.24 20.91 -9.93
CA PRO B 58 10.89 21.09 -8.62
C PRO B 58 12.32 21.66 -8.67
N ARG B 59 12.76 22.18 -7.52
CA ARG B 59 14.10 22.76 -7.34
C ARG B 59 14.67 22.32 -6.00
N ASP B 60 15.98 22.55 -5.82
CA ASP B 60 16.68 22.23 -4.57
C ASP B 60 17.68 23.34 -4.23
N LYS B 61 17.56 24.43 -4.99
CA LYS B 61 18.39 25.61 -4.85
C LYS B 61 17.55 26.80 -5.26
N PRO B 62 17.63 27.91 -4.50
CA PRO B 62 16.87 29.12 -4.79
C PRO B 62 17.08 29.66 -6.19
N THR B 63 16.09 30.34 -6.74
CA THR B 63 16.21 30.90 -8.08
C THR B 63 17.38 31.88 -8.19
N PRO B 64 18.39 31.53 -9.01
CA PRO B 64 19.59 32.36 -9.22
C PRO B 64 19.26 33.82 -9.55
N LEU B 65 19.97 34.70 -8.87
CA LEU B 65 19.83 36.15 -9.00
C LEU B 65 19.65 36.61 -10.46
N GLU B 66 20.63 36.30 -11.31
CA GLU B 66 20.62 36.69 -12.72
C GLU B 66 19.28 36.43 -13.42
N GLU B 67 18.66 35.32 -13.04
CA GLU B 67 17.38 34.88 -13.59
C GLU B 67 16.17 35.59 -12.94
N LEU B 68 16.12 35.55 -11.61
CA LEU B 68 15.04 36.17 -10.83
C LEU B 68 14.84 37.67 -10.99
N LEU B 69 15.92 38.41 -10.78
CA LEU B 69 15.88 39.87 -10.86
C LEU B 69 15.21 40.49 -12.10
N PRO B 70 15.57 40.05 -13.31
CA PRO B 70 14.95 40.62 -14.52
C PRO B 70 13.44 40.38 -14.58
N HIS B 71 13.00 39.21 -14.08
CA HIS B 71 11.58 38.83 -14.04
C HIS B 71 10.78 39.75 -13.12
N ALA B 72 11.33 39.97 -11.94
CA ALA B 72 10.71 40.82 -10.94
C ALA B 72 10.50 42.23 -11.48
N ILE B 73 11.51 42.75 -12.15
CA ILE B 73 11.41 44.10 -12.70
C ILE B 73 10.31 44.21 -13.73
N GLU B 74 10.18 43.15 -14.52
CA GLU B 74 9.18 43.06 -15.59
C GLU B 74 7.77 43.08 -14.99
N PHE B 75 7.54 42.24 -13.97
CA PHE B 75 6.24 42.19 -13.31
C PHE B 75 5.85 43.54 -12.74
N ILE B 76 6.78 44.13 -11.97
CA ILE B 76 6.57 45.42 -11.33
C ILE B 76 6.15 46.47 -12.37
N ASN B 77 6.79 46.44 -13.54
CA ASN B 77 6.49 47.37 -14.62
C ASN B 77 5.08 47.12 -15.16
N GLN B 78 4.67 45.85 -15.16
CA GLN B 78 3.37 45.43 -15.66
C GLN B 78 2.30 45.89 -14.68
N TYR B 79 2.59 45.72 -13.39
CA TYR B 79 1.70 46.10 -12.30
C TYR B 79 1.41 47.58 -12.32
N TYR B 80 2.45 48.38 -12.28
CA TYR B 80 2.28 49.84 -12.30
C TYR B 80 1.82 50.35 -13.66
N GLY B 81 2.05 49.55 -14.70
CA GLY B 81 1.66 49.94 -16.03
C GLY B 81 0.18 49.76 -16.29
N SER B 82 -0.49 49.07 -15.38
CA SER B 82 -1.92 48.81 -15.51
C SER B 82 -2.76 49.95 -14.95
N PHE B 83 -2.23 50.64 -13.95
CA PHE B 83 -2.94 51.77 -13.32
C PHE B 83 -3.40 52.75 -14.38
N LYS B 84 -4.68 53.08 -14.40
CA LYS B 84 -5.17 54.03 -15.39
C LYS B 84 -4.74 55.46 -15.03
N GLU B 85 -4.19 55.60 -13.83
CA GLU B 85 -3.68 56.86 -13.29
C GLU B 85 -2.26 56.57 -12.82
N ALA B 86 -1.31 56.68 -13.75
CA ALA B 86 0.09 56.39 -13.47
C ALA B 86 0.70 57.05 -12.24
N LYS B 87 1.25 56.22 -11.36
CA LYS B 87 1.88 56.72 -10.14
C LYS B 87 3.40 56.53 -10.34
N ILE B 88 3.97 57.38 -11.19
CA ILE B 88 5.39 57.36 -11.54
C ILE B 88 6.32 57.21 -10.35
N GLU B 89 6.04 57.95 -9.28
CA GLU B 89 6.85 57.90 -8.09
C GLU B 89 6.83 56.52 -7.43
N GLU B 90 5.64 56.03 -7.11
CA GLU B 90 5.49 54.73 -6.47
C GLU B 90 6.18 53.65 -7.27
N HIS B 91 6.07 53.78 -8.60
CA HIS B 91 6.67 52.83 -9.53
C HIS B 91 8.19 52.78 -9.28
N LEU B 92 8.85 53.91 -9.47
CA LEU B 92 10.29 54.02 -9.26
C LEU B 92 10.71 53.55 -7.88
N ALA B 93 9.95 53.99 -6.88
CA ALA B 93 10.23 53.63 -5.49
C ALA B 93 10.15 52.11 -5.30
N ARG B 94 9.08 51.51 -5.81
CA ARG B 94 8.86 50.08 -5.71
C ARG B 94 9.97 49.31 -6.43
N LEU B 95 10.24 49.71 -7.68
CA LEU B 95 11.29 49.07 -8.48
C LEU B 95 12.60 49.02 -7.70
N GLU B 96 13.00 50.19 -7.20
CA GLU B 96 14.23 50.31 -6.45
C GLU B 96 14.19 49.43 -5.20
N ALA B 97 13.06 49.44 -4.49
CA ALA B 97 12.90 48.64 -3.29
C ALA B 97 13.04 47.15 -3.60
N VAL B 98 12.32 46.67 -4.61
CA VAL B 98 12.38 45.26 -4.98
C VAL B 98 13.81 44.82 -5.34
N THR B 99 14.49 45.65 -6.14
CA THR B 99 15.86 45.39 -6.56
C THR B 99 16.75 45.09 -5.37
N LYS B 100 16.75 46.00 -4.39
CA LYS B 100 17.59 45.84 -3.19
C LYS B 100 17.23 44.62 -2.38
N GLU B 101 15.92 44.40 -2.20
CA GLU B 101 15.46 43.27 -1.44
C GLU B 101 15.98 41.96 -2.05
N ILE B 102 15.87 41.84 -3.38
CA ILE B 102 16.35 40.66 -4.10
C ILE B 102 17.88 40.49 -3.97
N GLU B 103 18.63 41.57 -4.15
CA GLU B 103 20.09 41.53 -4.04
C GLU B 103 20.57 41.23 -2.62
N THR B 104 19.84 41.71 -1.61
CA THR B 104 20.23 41.49 -0.22
C THR B 104 19.77 40.17 0.38
N THR B 105 18.60 39.68 -0.04
CA THR B 105 18.07 38.43 0.49
C THR B 105 17.94 37.32 -0.53
N GLY B 106 18.12 37.66 -1.81
CA GLY B 106 18.03 36.67 -2.86
C GLY B 106 16.60 36.26 -3.17
N THR B 107 15.67 37.19 -2.93
CA THR B 107 14.24 36.96 -3.17
C THR B 107 13.46 38.21 -2.77
N TYR B 108 12.14 38.14 -2.84
CA TYR B 108 11.32 39.27 -2.45
C TYR B 108 9.86 38.89 -2.28
N GLN B 109 9.17 39.67 -1.47
CA GLN B 109 7.77 39.39 -1.21
C GLN B 109 6.93 40.38 -2.01
N LEU B 110 5.77 39.90 -2.46
CA LEU B 110 4.85 40.76 -3.20
C LEU B 110 3.88 41.44 -2.22
N THR B 111 3.33 42.59 -2.62
CA THR B 111 2.36 43.25 -1.77
C THR B 111 1.03 42.54 -2.06
N LEU B 112 0.11 42.55 -1.10
CA LEU B 112 -1.20 41.90 -1.28
C LEU B 112 -1.84 42.35 -2.61
N ASP B 113 -1.79 43.64 -2.88
CA ASP B 113 -2.36 44.20 -4.10
C ASP B 113 -1.68 43.64 -5.36
N GLU B 114 -0.37 43.44 -5.28
CA GLU B 114 0.39 42.88 -6.39
C GLU B 114 -0.01 41.42 -6.65
N LEU B 115 -0.08 40.62 -5.58
CA LEU B 115 -0.47 39.22 -5.71
C LEU B 115 -1.84 39.11 -6.37
N ILE B 116 -2.78 39.93 -5.91
CA ILE B 116 -4.14 39.96 -6.46
C ILE B 116 -4.06 40.18 -7.97
N PHE B 117 -3.29 41.19 -8.35
CA PHE B 117 -3.11 41.51 -9.76
C PHE B 117 -2.51 40.34 -10.52
N ALA B 118 -1.61 39.60 -9.85
CA ALA B 118 -0.93 38.46 -10.44
C ALA B 118 -1.87 37.30 -10.78
N THR B 119 -2.72 36.92 -9.83
CA THR B 119 -3.66 35.81 -10.01
C THR B 119 -4.59 36.04 -11.18
N LYS B 120 -5.15 37.25 -11.29
CA LYS B 120 -6.05 37.65 -12.37
C LYS B 120 -5.32 37.65 -13.72
N MET B 121 -4.08 38.14 -13.72
CA MET B 121 -3.29 38.18 -14.95
C MET B 121 -2.98 36.75 -15.38
N ALA B 122 -2.60 35.90 -14.42
CA ALA B 122 -2.29 34.51 -14.72
C ALA B 122 -3.47 33.82 -15.36
N TRP B 123 -4.66 34.09 -14.83
CA TRP B 123 -5.87 33.50 -15.36
C TRP B 123 -6.07 34.06 -16.76
N ARG B 124 -5.90 35.37 -16.86
CA ARG B 124 -6.07 36.07 -18.12
C ARG B 124 -5.15 35.48 -19.19
N ASN B 125 -4.01 34.96 -18.73
CA ASN B 125 -2.98 34.36 -19.56
C ASN B 125 -3.04 32.82 -19.61
N ALA B 126 -4.20 32.23 -19.33
CA ALA B 126 -4.37 30.78 -19.37
C ALA B 126 -4.94 30.38 -20.74
N PRO B 127 -4.06 30.06 -21.70
CA PRO B 127 -4.45 29.67 -23.06
C PRO B 127 -5.50 28.58 -23.18
N ARG B 128 -5.70 27.81 -22.11
CA ARG B 128 -6.65 26.72 -22.17
C ARG B 128 -8.01 26.97 -21.52
N CYS B 129 -8.17 28.14 -20.88
CA CYS B 129 -9.44 28.46 -20.23
C CYS B 129 -10.39 29.15 -21.17
N ILE B 130 -11.67 28.76 -21.12
CA ILE B 130 -12.67 29.35 -22.00
C ILE B 130 -13.51 30.41 -21.29
N GLY B 131 -13.44 30.43 -19.96
CA GLY B 131 -14.22 31.41 -19.21
C GLY B 131 -13.41 32.61 -18.81
N ARG B 132 -12.37 32.94 -19.57
CA ARG B 132 -11.47 34.06 -19.25
C ARG B 132 -12.15 35.43 -19.25
N ILE B 133 -13.34 35.54 -19.83
CA ILE B 133 -14.04 36.82 -19.81
C ILE B 133 -14.31 37.25 -18.36
N GLN B 134 -14.25 36.28 -17.46
CA GLN B 134 -14.46 36.47 -16.03
C GLN B 134 -13.16 36.73 -15.28
N TRP B 135 -12.05 36.84 -16.01
CA TRP B 135 -10.72 37.02 -15.43
C TRP B 135 -10.59 38.06 -14.32
N SER B 136 -11.33 39.15 -14.43
CA SER B 136 -11.27 40.22 -13.43
C SER B 136 -12.15 39.97 -12.20
N ASN B 137 -13.03 38.98 -12.28
CA ASN B 137 -13.91 38.65 -11.18
C ASN B 137 -13.38 37.41 -10.47
N LEU B 138 -12.45 37.63 -9.56
CA LEU B 138 -11.85 36.52 -8.84
C LEU B 138 -11.48 36.92 -7.44
N GLN B 139 -11.98 36.16 -6.46
CA GLN B 139 -11.68 36.40 -5.05
C GLN B 139 -10.32 35.80 -4.72
N VAL B 140 -9.52 36.55 -3.96
CA VAL B 140 -8.17 36.11 -3.60
C VAL B 140 -8.00 35.85 -2.09
N PHE B 141 -7.59 34.64 -1.75
CA PHE B 141 -7.37 34.28 -0.35
C PHE B 141 -5.88 34.17 -0.08
N ASP B 142 -5.35 35.16 0.65
CA ASP B 142 -3.93 35.25 1.00
C ASP B 142 -3.59 34.37 2.20
N ALA B 143 -3.00 33.22 1.93
CA ALA B 143 -2.60 32.28 2.96
C ALA B 143 -1.08 32.13 2.95
N ARG B 144 -0.39 33.17 2.53
CA ARG B 144 1.07 33.16 2.48
C ARG B 144 1.76 33.04 3.84
N ASN B 145 0.97 33.19 4.92
CA ASN B 145 1.49 33.09 6.29
C ASN B 145 1.27 31.72 6.90
N CYS B 146 0.51 30.87 6.21
CA CYS B 146 0.24 29.51 6.68
C CYS B 146 1.56 28.77 6.90
N SER B 147 1.55 27.74 7.75
CA SER B 147 2.79 26.99 8.01
C SER B 147 2.61 25.51 8.34
N THR B 148 1.37 25.04 8.39
CA THR B 148 1.09 23.63 8.67
C THR B 148 -0.05 23.06 7.84
N ALA B 149 -0.11 21.72 7.77
CA ALA B 149 -1.14 21.03 7.01
C ALA B 149 -2.53 21.34 7.57
N GLN B 150 -2.70 21.19 8.89
CA GLN B 150 -3.97 21.48 9.55
C GLN B 150 -4.42 22.92 9.21
N GLU B 151 -3.44 23.80 8.99
CA GLU B 151 -3.73 25.18 8.62
C GLU B 151 -4.17 25.25 7.17
N MET B 152 -3.48 24.53 6.30
CA MET B 152 -3.84 24.50 4.88
C MET B 152 -5.26 23.99 4.75
N PHE B 153 -5.53 22.89 5.45
CA PHE B 153 -6.84 22.27 5.47
C PHE B 153 -7.94 23.27 5.83
N GLN B 154 -7.63 24.19 6.72
CA GLN B 154 -8.61 25.20 7.13
C GLN B 154 -8.79 26.25 6.07
N HIS B 155 -7.70 26.60 5.40
CA HIS B 155 -7.78 27.61 4.34
C HIS B 155 -8.56 27.06 3.16
N ILE B 156 -8.37 25.76 2.90
CA ILE B 156 -9.03 25.09 1.80
C ILE B 156 -10.52 24.93 2.09
N CYS B 157 -10.85 24.76 3.36
CA CYS B 157 -12.24 24.61 3.75
C CYS B 157 -12.94 25.95 3.62
N ARG B 158 -12.25 27.02 4.00
CA ARG B 158 -12.81 28.36 3.91
C ARG B 158 -13.07 28.71 2.44
N HIS B 159 -12.19 28.20 1.59
CA HIS B 159 -12.25 28.41 0.15
C HIS B 159 -13.48 27.75 -0.44
N ILE B 160 -13.55 26.42 -0.28
CA ILE B 160 -14.67 25.62 -0.76
C ILE B 160 -15.98 26.26 -0.32
N LEU B 161 -16.07 26.59 0.97
CA LEU B 161 -17.25 27.20 1.53
C LEU B 161 -17.60 28.53 0.87
N TYR B 162 -16.58 29.37 0.66
CA TYR B 162 -16.82 30.67 0.03
C TYR B 162 -17.27 30.49 -1.42
N ALA B 163 -16.49 29.71 -2.16
CA ALA B 163 -16.74 29.44 -3.56
C ALA B 163 -18.06 28.76 -3.87
N THR B 164 -18.44 27.77 -3.06
CA THR B 164 -19.68 27.02 -3.29
C THR B 164 -20.89 27.91 -3.15
N ASN B 165 -20.86 28.75 -2.12
CA ASN B 165 -21.90 29.72 -1.82
C ASN B 165 -23.34 29.26 -2.08
N ASN B 166 -23.68 28.09 -1.52
CA ASN B 166 -25.02 27.54 -1.62
C ASN B 166 -25.48 27.30 -3.06
N GLY B 167 -24.53 27.05 -3.95
CA GLY B 167 -24.90 26.82 -5.33
C GLY B 167 -24.62 28.00 -6.23
N ASN B 168 -24.62 29.22 -5.69
CA ASN B 168 -24.32 30.40 -6.49
C ASN B 168 -22.78 30.50 -6.52
N ILE B 169 -22.14 29.68 -7.35
CA ILE B 169 -20.68 29.62 -7.45
C ILE B 169 -19.94 30.94 -7.66
N ARG B 170 -18.88 31.12 -6.88
CA ARG B 170 -18.04 32.32 -6.95
C ARG B 170 -16.60 31.89 -7.19
N SER B 171 -15.95 32.50 -8.18
CA SER B 171 -14.56 32.18 -8.51
C SER B 171 -13.64 32.69 -7.42
N ALA B 172 -12.73 31.82 -6.98
CA ALA B 172 -11.78 32.18 -5.94
C ALA B 172 -10.49 31.37 -6.02
N ILE B 173 -9.46 31.87 -5.32
CA ILE B 173 -8.16 31.22 -5.28
C ILE B 173 -7.45 31.48 -3.94
N THR B 174 -6.80 30.44 -3.43
CA THR B 174 -6.06 30.54 -2.19
C THR B 174 -4.54 30.41 -2.45
N VAL B 175 -3.80 31.47 -2.16
CA VAL B 175 -2.35 31.48 -2.38
C VAL B 175 -1.59 31.08 -1.12
N PHE B 176 -0.82 30.00 -1.22
CA PHE B 176 0.00 29.52 -0.12
C PHE B 176 1.44 30.05 -0.28
N PRO B 177 2.26 29.96 0.79
CA PRO B 177 3.65 30.45 0.76
C PRO B 177 4.48 30.03 -0.45
N GLN B 178 5.05 31.02 -1.13
CA GLN B 178 5.86 30.78 -2.31
C GLN B 178 7.07 29.90 -2.04
N ARG B 179 7.49 29.18 -3.05
CA ARG B 179 8.67 28.32 -2.95
C ARG B 179 9.88 29.19 -2.62
N SER B 180 10.71 28.72 -1.69
CA SER B 180 11.93 29.43 -1.30
C SER B 180 13.15 28.70 -1.88
N ASP B 181 13.59 27.64 -1.23
CA ASP B 181 14.74 26.89 -1.70
C ASP B 181 14.36 25.69 -2.57
N GLY B 182 13.22 25.08 -2.27
CA GLY B 182 12.77 23.93 -3.03
C GLY B 182 12.47 22.75 -2.13
N LYS B 183 13.23 22.64 -1.04
CA LYS B 183 13.06 21.55 -0.09
C LYS B 183 11.96 21.86 0.92
N HIS B 184 11.38 23.07 0.82
CA HIS B 184 10.32 23.53 1.72
C HIS B 184 9.03 23.89 0.95
N ASP B 185 8.73 23.10 -0.06
CA ASP B 185 7.56 23.32 -0.90
C ASP B 185 6.17 23.02 -0.27
N PHE B 186 5.22 23.90 -0.55
CA PHE B 186 3.86 23.70 -0.10
C PHE B 186 3.17 23.06 -1.30
N ARG B 187 2.57 21.88 -1.13
CA ARG B 187 1.92 21.20 -2.25
C ARG B 187 0.64 20.46 -1.90
N LEU B 188 -0.35 20.53 -2.78
CA LEU B 188 -1.60 19.79 -2.60
C LEU B 188 -1.41 18.62 -3.55
N TRP B 189 -1.51 17.41 -3.04
CA TRP B 189 -1.32 16.24 -3.90
C TRP B 189 -2.49 15.93 -4.81
N ASN B 190 -3.67 16.39 -4.43
CA ASN B 190 -4.86 16.16 -5.24
C ASN B 190 -4.77 16.93 -6.56
N SER B 191 -5.53 16.46 -7.54
CA SER B 191 -5.58 17.12 -8.85
C SER B 191 -6.62 18.24 -8.75
N GLN B 192 -7.69 17.98 -8.01
CA GLN B 192 -8.76 18.95 -7.83
C GLN B 192 -9.22 18.80 -6.38
N LEU B 193 -9.75 19.87 -5.78
CA LEU B 193 -10.21 19.79 -4.38
C LEU B 193 -11.23 18.67 -4.24
N ILE B 194 -12.41 18.83 -4.83
CA ILE B 194 -13.42 17.78 -4.78
C ILE B 194 -13.15 16.84 -5.97
N ARG B 195 -13.22 15.54 -5.74
CA ARG B 195 -12.93 14.57 -6.80
C ARG B 195 -13.36 13.18 -6.32
N TYR B 196 -13.92 12.35 -7.21
CA TYR B 196 -14.37 11.01 -6.82
C TYR B 196 -13.27 9.97 -6.96
N ALA B 197 -13.30 8.97 -6.08
CA ALA B 197 -12.29 7.91 -6.09
C ALA B 197 -12.58 6.82 -7.07
N GLY B 198 -11.55 6.08 -7.43
CA GLY B 198 -11.68 4.98 -8.35
C GLY B 198 -10.92 3.77 -7.84
N TYR B 199 -11.61 2.64 -7.69
CA TYR B 199 -10.99 1.41 -7.17
C TYR B 199 -10.87 0.32 -8.21
N GLN B 200 -9.71 -0.34 -8.24
CA GLN B 200 -9.47 -1.44 -9.18
C GLN B 200 -10.05 -2.69 -8.52
N MET B 201 -11.36 -2.89 -8.68
CA MET B 201 -12.05 -4.04 -8.10
C MET B 201 -11.39 -5.39 -8.35
N PRO B 202 -11.66 -6.37 -7.46
CA PRO B 202 -11.13 -7.74 -7.51
C PRO B 202 -11.48 -8.45 -8.82
N ASP B 203 -12.78 -8.41 -9.17
CA ASP B 203 -13.34 -9.02 -10.37
C ASP B 203 -13.04 -8.28 -11.69
N GLY B 204 -11.86 -7.67 -11.79
CA GLY B 204 -11.44 -6.94 -12.98
C GLY B 204 -12.07 -5.57 -13.25
N THR B 205 -13.37 -5.46 -12.95
CA THR B 205 -14.13 -4.23 -13.17
C THR B 205 -13.60 -3.05 -12.37
N ILE B 206 -13.82 -1.84 -12.90
CA ILE B 206 -13.38 -0.62 -12.25
C ILE B 206 -14.61 0.09 -11.72
N ARG B 207 -14.54 0.56 -10.47
CA ARG B 207 -15.67 1.26 -9.86
C ARG B 207 -15.29 2.70 -9.55
N GLY B 208 -16.20 3.62 -9.85
CA GLY B 208 -15.96 5.03 -9.60
C GLY B 208 -15.27 5.73 -10.75
N ASP B 209 -14.41 6.71 -10.43
CA ASP B 209 -13.68 7.46 -11.44
C ASP B 209 -12.33 6.81 -11.75
N ALA B 210 -12.25 6.14 -12.89
CA ALA B 210 -11.02 5.45 -13.28
C ALA B 210 -9.84 6.39 -13.42
N ALA B 211 -10.12 7.66 -13.64
CA ALA B 211 -9.04 8.65 -13.81
C ALA B 211 -8.23 8.86 -12.53
N THR B 212 -8.87 8.71 -11.37
CA THR B 212 -8.20 8.89 -10.09
C THR B 212 -7.69 7.57 -9.47
N LEU B 213 -7.68 6.49 -10.24
CA LEU B 213 -7.23 5.16 -9.77
C LEU B 213 -5.93 5.18 -8.95
N GLU B 214 -4.83 5.53 -9.61
CA GLU B 214 -3.53 5.58 -8.95
C GLU B 214 -3.56 6.43 -7.68
N PHE B 215 -4.10 7.65 -7.76
CA PHE B 215 -4.14 8.53 -6.60
C PHE B 215 -4.99 7.95 -5.46
N THR B 216 -6.12 7.35 -5.81
CA THR B 216 -7.00 6.74 -4.83
C THR B 216 -6.19 5.74 -4.02
N GLN B 217 -5.35 4.97 -4.73
CA GLN B 217 -4.50 3.98 -4.07
C GLN B 217 -3.66 4.67 -3.02
N LEU B 218 -2.91 5.69 -3.42
CA LEU B 218 -2.06 6.45 -2.52
C LEU B 218 -2.81 6.85 -1.25
N CYS B 219 -4.04 7.31 -1.41
CA CYS B 219 -4.83 7.71 -0.27
C CYS B 219 -5.01 6.54 0.67
N ILE B 220 -5.20 5.36 0.09
CA ILE B 220 -5.36 4.14 0.87
C ILE B 220 -4.04 3.79 1.57
N ASP B 221 -2.93 4.05 0.88
CA ASP B 221 -1.60 3.80 1.40
C ASP B 221 -1.31 4.72 2.60
N LEU B 222 -2.08 5.79 2.74
CA LEU B 222 -1.86 6.72 3.85
C LEU B 222 -2.94 6.61 4.92
N GLY B 223 -3.60 5.45 4.96
CA GLY B 223 -4.61 5.20 5.95
C GLY B 223 -6.05 5.52 5.64
N TRP B 224 -6.31 6.24 4.55
CA TRP B 224 -7.69 6.59 4.19
C TRP B 224 -8.51 5.32 4.03
N LYS B 225 -9.73 5.36 4.57
CA LYS B 225 -10.65 4.22 4.50
C LYS B 225 -11.48 4.24 3.22
N PRO B 226 -11.19 3.31 2.27
CA PRO B 226 -11.91 3.23 1.01
C PRO B 226 -13.33 2.71 1.23
N ARG B 227 -14.31 3.61 1.03
CA ARG B 227 -15.70 3.26 1.21
C ARG B 227 -16.32 2.50 0.02
N TYR B 228 -15.48 2.14 -0.93
CA TYR B 228 -15.86 1.40 -2.15
C TYR B 228 -17.24 1.75 -2.70
N GLY B 229 -17.27 2.72 -3.61
CA GLY B 229 -18.52 3.17 -4.20
C GLY B 229 -18.29 3.89 -5.51
N ARG B 230 -19.38 4.40 -6.10
CA ARG B 230 -19.27 5.11 -7.38
C ARG B 230 -18.86 6.55 -7.22
N PHE B 231 -19.31 7.19 -6.15
CA PHE B 231 -19.00 8.59 -5.93
C PHE B 231 -18.48 8.89 -4.54
N ASP B 232 -17.34 8.28 -4.18
CA ASP B 232 -16.73 8.52 -2.88
C ASP B 232 -15.72 9.66 -2.99
N VAL B 233 -16.05 10.77 -2.35
CA VAL B 233 -15.19 11.95 -2.36
C VAL B 233 -13.83 11.67 -1.77
N LEU B 234 -12.79 11.90 -2.56
CA LEU B 234 -11.42 11.66 -2.14
C LEU B 234 -10.98 12.63 -1.04
N PRO B 235 -10.05 12.20 -0.19
CA PRO B 235 -9.56 13.05 0.91
C PRO B 235 -8.47 14.01 0.45
N LEU B 236 -8.32 15.13 1.15
CA LEU B 236 -7.28 16.09 0.83
C LEU B 236 -5.93 15.58 1.36
N VAL B 237 -4.95 15.53 0.48
CA VAL B 237 -3.62 15.09 0.86
C VAL B 237 -2.78 16.35 0.80
N LEU B 238 -2.54 16.93 1.98
CA LEU B 238 -1.76 18.16 2.08
C LEU B 238 -0.32 18.00 2.53
N GLN B 239 0.57 18.76 1.90
CA GLN B 239 1.99 18.77 2.20
C GLN B 239 2.42 20.20 2.51
N ALA B 240 2.68 20.50 3.78
CA ALA B 240 3.09 21.85 4.20
C ALA B 240 4.60 22.04 4.45
N ASP B 241 5.12 23.20 4.02
CA ASP B 241 6.52 23.58 4.18
C ASP B 241 7.50 22.42 4.01
N GLY B 242 7.54 21.86 2.80
CA GLY B 242 8.45 20.75 2.53
C GLY B 242 8.25 19.45 3.30
N GLN B 243 7.42 19.50 4.36
CA GLN B 243 7.18 18.32 5.19
C GLN B 243 6.49 17.18 4.45
N ASP B 244 6.06 16.18 5.21
CA ASP B 244 5.36 15.03 4.63
C ASP B 244 3.89 15.36 4.53
N PRO B 245 3.17 14.64 3.65
CA PRO B 245 1.73 14.84 3.44
C PRO B 245 0.84 14.27 4.52
N GLU B 246 -0.18 15.03 4.87
CA GLU B 246 -1.17 14.64 5.86
C GLU B 246 -2.54 14.50 5.20
N VAL B 247 -3.30 13.51 5.63
CA VAL B 247 -4.62 13.24 5.08
C VAL B 247 -5.78 13.80 5.89
N PHE B 248 -6.65 14.56 5.23
CA PHE B 248 -7.84 15.16 5.85
C PHE B 248 -9.07 14.86 4.99
N GLU B 249 -10.16 14.42 5.62
CA GLU B 249 -11.38 14.15 4.89
C GLU B 249 -12.22 15.42 4.80
N ILE B 250 -12.59 15.82 3.58
CA ILE B 250 -13.38 17.02 3.36
C ILE B 250 -14.75 16.90 4.02
N PRO B 251 -15.08 17.85 4.90
CA PRO B 251 -16.38 17.82 5.58
C PRO B 251 -17.53 17.74 4.57
N PRO B 252 -18.27 16.64 4.59
CA PRO B 252 -19.40 16.41 3.69
C PRO B 252 -20.36 17.57 3.57
N ASP B 253 -20.50 18.36 4.62
CA ASP B 253 -21.42 19.51 4.60
C ASP B 253 -20.92 20.60 3.65
N LEU B 254 -19.65 20.50 3.27
CA LEU B 254 -19.02 21.46 2.37
C LEU B 254 -19.05 21.04 0.91
N VAL B 255 -19.19 19.74 0.66
CA VAL B 255 -19.25 19.25 -0.71
C VAL B 255 -20.66 19.21 -1.30
N LEU B 256 -21.02 20.24 -2.07
CA LEU B 256 -22.34 20.34 -2.72
C LEU B 256 -22.38 19.46 -3.97
N GLU B 257 -23.42 18.67 -4.10
CA GLU B 257 -23.55 17.77 -5.25
C GLU B 257 -24.86 17.99 -6.00
N VAL B 258 -24.90 17.50 -7.23
CA VAL B 258 -26.09 17.64 -8.06
C VAL B 258 -26.47 16.25 -8.57
N THR B 259 -27.72 15.87 -8.35
CA THR B 259 -28.21 14.56 -8.78
C THR B 259 -28.75 14.72 -10.20
N MET B 260 -28.35 13.82 -11.09
CA MET B 260 -28.78 13.90 -12.49
C MET B 260 -30.23 13.46 -12.81
N GLU B 261 -30.96 14.34 -13.49
CA GLU B 261 -32.34 14.08 -13.89
C GLU B 261 -32.60 14.64 -15.26
N HIS B 262 -33.14 13.81 -16.15
CA HIS B 262 -33.48 14.24 -17.50
C HIS B 262 -34.92 14.78 -17.46
N PRO B 263 -35.18 15.93 -18.10
CA PRO B 263 -36.50 16.57 -18.14
C PRO B 263 -37.63 15.79 -18.83
N LYS B 264 -37.30 14.66 -19.46
CA LYS B 264 -38.30 13.85 -20.14
C LYS B 264 -38.14 12.38 -19.80
N TYR B 265 -36.90 11.93 -19.66
CA TYR B 265 -36.64 10.54 -19.35
C TYR B 265 -36.61 10.27 -17.86
N GLU B 266 -37.73 9.82 -17.31
CA GLU B 266 -37.82 9.51 -15.88
C GLU B 266 -36.86 8.39 -15.48
N TRP B 267 -36.44 7.60 -16.47
CA TRP B 267 -35.53 6.50 -16.22
C TRP B 267 -34.08 6.97 -16.04
N PHE B 268 -33.83 8.25 -16.27
CA PHE B 268 -32.48 8.78 -16.13
C PHE B 268 -32.04 8.75 -14.66
N GLN B 269 -32.94 9.19 -13.78
CA GLN B 269 -32.67 9.19 -12.36
C GLN B 269 -32.30 7.79 -11.88
N GLU B 270 -32.84 6.77 -12.55
CA GLU B 270 -32.55 5.39 -12.20
C GLU B 270 -31.09 5.00 -12.40
N LEU B 271 -30.33 5.88 -13.04
CA LEU B 271 -28.91 5.61 -13.31
C LEU B 271 -28.06 5.89 -12.05
N GLY B 272 -28.62 6.68 -11.15
CA GLY B 272 -27.96 7.03 -9.90
C GLY B 272 -26.70 7.86 -10.06
N LEU B 273 -26.73 8.74 -11.06
CA LEU B 273 -25.62 9.62 -11.36
C LEU B 273 -25.73 10.93 -10.63
N LYS B 274 -24.55 11.54 -10.44
CA LYS B 274 -24.42 12.84 -9.78
C LYS B 274 -23.00 13.38 -9.93
N TRP B 275 -22.84 14.67 -9.66
CA TRP B 275 -21.53 15.28 -9.75
C TRP B 275 -21.40 16.47 -8.81
N TYR B 276 -20.17 16.80 -8.45
CA TYR B 276 -19.91 17.94 -7.58
C TYR B 276 -19.98 19.23 -8.37
N ALA B 277 -20.49 20.27 -7.73
CA ALA B 277 -20.64 21.58 -8.35
C ALA B 277 -19.39 22.46 -8.36
N LEU B 278 -18.31 21.99 -7.72
CA LEU B 278 -17.13 22.84 -7.62
C LEU B 278 -15.90 22.38 -8.36
N PRO B 279 -15.58 23.04 -9.48
CA PRO B 279 -14.42 22.74 -10.32
C PRO B 279 -13.24 23.53 -9.74
N ALA B 280 -12.41 22.86 -8.95
CA ALA B 280 -11.30 23.54 -8.31
C ALA B 280 -9.96 22.87 -8.58
N VAL B 281 -9.16 23.50 -9.45
CA VAL B 281 -7.84 22.98 -9.80
C VAL B 281 -6.98 23.07 -8.56
N ALA B 282 -6.31 21.98 -8.23
CA ALA B 282 -5.53 21.96 -7.01
C ALA B 282 -4.03 21.76 -7.16
N ASN B 283 -3.57 21.24 -8.29
CA ASN B 283 -2.15 20.97 -8.44
C ASN B 283 -1.31 21.84 -9.40
N MET B 284 -1.75 23.05 -9.65
CA MET B 284 -1.00 23.92 -10.54
C MET B 284 -0.11 24.95 -9.83
N LEU B 285 0.95 25.39 -10.51
CA LEU B 285 1.88 26.35 -9.95
C LEU B 285 1.68 27.76 -10.48
N LEU B 286 1.70 28.73 -9.58
CA LEU B 286 1.55 30.13 -9.99
C LEU B 286 2.90 30.83 -10.09
N GLU B 287 3.32 31.11 -11.33
CA GLU B 287 4.57 31.81 -11.55
C GLU B 287 4.26 33.29 -11.72
N VAL B 288 5.04 34.13 -11.04
CA VAL B 288 4.85 35.57 -11.12
C VAL B 288 6.14 36.28 -10.78
N GLY B 289 6.52 37.19 -11.68
CA GLY B 289 7.73 37.99 -11.53
C GLY B 289 8.92 37.23 -11.01
N GLY B 290 9.07 35.97 -11.42
CA GLY B 290 10.18 35.17 -10.99
C GLY B 290 9.86 34.32 -9.79
N LEU B 291 8.86 34.73 -9.02
CA LEU B 291 8.47 33.96 -7.85
C LEU B 291 7.62 32.77 -8.29
N GLU B 292 7.62 31.71 -7.48
CA GLU B 292 6.84 30.51 -7.78
C GLU B 292 6.01 30.06 -6.59
N PHE B 293 4.72 29.82 -6.82
CA PHE B 293 3.79 29.35 -5.80
C PHE B 293 3.29 27.96 -6.16
N PRO B 294 3.91 26.91 -5.58
CA PRO B 294 3.61 25.50 -5.77
C PRO B 294 2.24 25.06 -5.34
N ALA B 295 1.61 25.85 -4.47
CA ALA B 295 0.26 25.54 -4.00
C ALA B 295 -0.64 26.77 -4.10
N CYS B 296 -1.59 26.73 -5.02
CA CYS B 296 -2.50 27.84 -5.21
C CYS B 296 -3.78 27.33 -5.90
N PRO B 297 -4.64 26.64 -5.14
CA PRO B 297 -5.88 26.11 -5.69
C PRO B 297 -6.85 27.21 -6.10
N PHE B 298 -7.45 27.00 -7.27
CA PHE B 298 -8.40 27.95 -7.82
C PHE B 298 -9.64 27.28 -8.44
N ASN B 299 -10.73 28.02 -8.51
CA ASN B 299 -11.96 27.47 -9.06
C ASN B 299 -12.83 28.49 -9.77
N GLY B 300 -13.73 27.97 -10.58
CA GLY B 300 -14.68 28.79 -11.30
C GLY B 300 -15.97 28.00 -11.21
N TRP B 301 -16.73 27.97 -12.29
CA TRP B 301 -17.95 27.18 -12.34
C TRP B 301 -17.87 26.30 -13.56
N TYR B 302 -18.58 25.19 -13.52
CA TYR B 302 -18.57 24.22 -14.61
C TYR B 302 -19.21 24.67 -15.94
N MET B 303 -18.80 24.00 -17.00
CA MET B 303 -19.35 24.21 -18.33
C MET B 303 -19.96 22.84 -18.61
N GLY B 304 -21.25 22.83 -18.95
CA GLY B 304 -21.96 21.59 -19.19
C GLY B 304 -21.22 20.36 -19.72
N THR B 305 -20.57 20.53 -20.88
CA THR B 305 -19.86 19.44 -21.51
C THR B 305 -18.75 18.83 -20.69
N GLU B 306 -18.28 19.57 -19.69
CA GLU B 306 -17.18 19.09 -18.85
C GLU B 306 -17.64 17.81 -18.15
N ILE B 307 -18.80 17.93 -17.50
CA ILE B 307 -19.40 16.82 -16.80
C ILE B 307 -20.09 15.87 -17.78
N GLY B 308 -21.01 16.39 -18.58
CA GLY B 308 -21.71 15.51 -19.47
C GLY B 308 -20.94 14.80 -20.57
N VAL B 309 -19.96 15.45 -21.15
CA VAL B 309 -19.26 14.82 -22.25
C VAL B 309 -18.00 14.09 -21.83
N ARG B 310 -17.17 14.76 -21.03
CA ARG B 310 -15.90 14.18 -20.60
C ARG B 310 -16.02 13.24 -19.42
N ASP B 311 -16.47 13.76 -18.28
CA ASP B 311 -16.61 12.97 -17.06
C ASP B 311 -17.48 11.72 -17.20
N PHE B 312 -18.67 11.91 -17.77
CA PHE B 312 -19.60 10.82 -17.98
C PHE B 312 -19.38 9.96 -19.20
N CYS B 313 -18.96 10.56 -20.32
CA CYS B 313 -18.82 9.76 -21.54
C CYS B 313 -17.46 9.27 -22.01
N ASP B 314 -16.38 9.73 -21.40
CA ASP B 314 -15.06 9.25 -21.80
C ASP B 314 -14.93 7.77 -21.48
N THR B 315 -14.37 6.99 -22.39
CA THR B 315 -14.20 5.56 -22.11
C THR B 315 -13.28 5.32 -20.90
N GLN B 316 -12.39 6.28 -20.65
CA GLN B 316 -11.45 6.22 -19.52
C GLN B 316 -12.05 6.76 -18.20
N ARG B 317 -13.29 7.23 -18.25
CA ARG B 317 -13.92 7.77 -17.06
C ARG B 317 -15.11 6.91 -16.65
N TYR B 318 -16.30 7.51 -16.57
CA TYR B 318 -17.50 6.79 -16.16
C TYR B 318 -18.19 5.98 -17.24
N ASN B 319 -17.80 6.25 -18.49
CA ASN B 319 -18.30 5.54 -19.65
C ASN B 319 -19.78 5.12 -19.63
N ILE B 320 -20.68 6.08 -19.43
CA ILE B 320 -22.11 5.77 -19.38
C ILE B 320 -22.80 5.88 -20.74
N LEU B 321 -22.02 5.91 -21.81
CA LEU B 321 -22.60 6.07 -23.13
C LEU B 321 -23.46 4.93 -23.64
N GLU B 322 -22.92 3.72 -23.64
CA GLU B 322 -23.70 2.57 -24.11
C GLU B 322 -25.00 2.36 -23.31
N GLU B 323 -24.89 2.49 -21.99
CA GLU B 323 -26.02 2.33 -21.10
C GLU B 323 -27.13 3.30 -21.46
N VAL B 324 -26.77 4.56 -21.68
CA VAL B 324 -27.76 5.58 -22.03
C VAL B 324 -28.34 5.28 -23.41
N GLY B 325 -27.52 4.66 -24.25
CA GLY B 325 -27.96 4.31 -25.58
C GLY B 325 -29.06 3.27 -25.55
N ARG B 326 -28.82 2.16 -24.85
CA ARG B 326 -29.78 1.06 -24.74
C ARG B 326 -31.12 1.52 -24.21
N ARG B 327 -31.10 2.27 -23.12
CA ARG B 327 -32.34 2.76 -22.52
C ARG B 327 -33.06 3.81 -23.38
N MET B 328 -32.44 4.22 -24.48
CA MET B 328 -33.05 5.18 -25.38
C MET B 328 -33.69 4.45 -26.58
N GLY B 329 -33.43 3.14 -26.68
CA GLY B 329 -33.94 2.33 -27.77
C GLY B 329 -33.19 2.49 -29.09
N LEU B 330 -32.00 3.09 -29.02
CA LEU B 330 -31.18 3.34 -30.18
C LEU B 330 -30.42 2.10 -30.62
N GLU B 331 -29.99 2.10 -31.89
CA GLU B 331 -29.26 0.97 -32.47
C GLU B 331 -27.79 1.08 -32.05
N THR B 332 -27.52 0.73 -30.79
CA THR B 332 -26.17 0.82 -30.25
C THR B 332 -25.17 -0.20 -30.82
N HIS B 333 -25.53 -0.86 -31.91
CA HIS B 333 -24.65 -1.85 -32.53
C HIS B 333 -24.21 -1.45 -33.94
N THR B 334 -24.72 -0.32 -34.40
CA THR B 334 -24.39 0.22 -35.73
C THR B 334 -24.00 1.68 -35.58
N LEU B 335 -22.69 1.94 -35.71
CA LEU B 335 -22.14 3.28 -35.59
C LEU B 335 -22.82 4.28 -36.51
N ALA B 336 -23.04 3.85 -37.74
CA ALA B 336 -23.66 4.71 -38.72
C ALA B 336 -25.01 5.28 -38.28
N SER B 337 -25.62 4.67 -37.26
CA SER B 337 -26.91 5.15 -36.77
C SER B 337 -26.79 6.46 -36.02
N LEU B 338 -25.56 6.88 -35.71
CA LEU B 338 -25.30 8.12 -34.96
C LEU B 338 -25.96 8.16 -33.56
N TRP B 339 -26.05 6.97 -32.95
CA TRP B 339 -26.66 6.83 -31.66
C TRP B 339 -25.86 7.52 -30.59
N LYS B 340 -24.54 7.51 -30.77
CA LYS B 340 -23.66 8.13 -29.79
C LYS B 340 -23.94 9.63 -29.71
N ASP B 341 -24.06 10.28 -30.88
CA ASP B 341 -24.33 11.72 -30.97
C ASP B 341 -25.66 12.03 -30.31
N ARG B 342 -26.66 11.18 -30.54
CA ARG B 342 -27.98 11.37 -29.94
C ARG B 342 -27.94 11.28 -28.39
N ALA B 343 -27.26 10.25 -27.88
CA ALA B 343 -27.14 10.01 -26.45
C ALA B 343 -26.48 11.15 -25.69
N VAL B 344 -25.23 11.46 -26.09
CA VAL B 344 -24.45 12.52 -25.45
C VAL B 344 -25.23 13.83 -25.35
N THR B 345 -26.01 14.14 -26.37
CA THR B 345 -26.79 15.36 -26.34
C THR B 345 -27.79 15.30 -25.17
N GLU B 346 -28.41 14.14 -24.96
CA GLU B 346 -29.37 14.00 -23.88
C GLU B 346 -28.70 14.05 -22.50
N ILE B 347 -27.53 13.44 -22.40
CA ILE B 347 -26.79 13.46 -21.16
C ILE B 347 -26.45 14.94 -20.83
N ASN B 348 -26.07 15.71 -21.85
CA ASN B 348 -25.76 17.12 -21.68
C ASN B 348 -26.99 17.89 -21.24
N VAL B 349 -28.14 17.54 -21.83
CA VAL B 349 -29.39 18.19 -21.49
C VAL B 349 -29.70 17.90 -20.01
N ALA B 350 -29.40 16.67 -19.58
CA ALA B 350 -29.61 16.22 -18.21
C ALA B 350 -28.73 17.02 -17.25
N VAL B 351 -27.44 17.16 -17.61
CA VAL B 351 -26.50 17.89 -16.77
C VAL B 351 -26.99 19.31 -16.58
N LEU B 352 -27.21 20.00 -17.68
CA LEU B 352 -27.67 21.39 -17.62
C LEU B 352 -28.97 21.56 -16.84
N HIS B 353 -29.91 20.67 -17.12
CA HIS B 353 -31.22 20.67 -16.51
C HIS B 353 -31.13 20.53 -14.99
N SER B 354 -30.45 19.46 -14.55
CA SER B 354 -30.27 19.17 -13.14
C SER B 354 -29.65 20.35 -12.38
N PHE B 355 -28.60 20.93 -12.95
CA PHE B 355 -27.94 22.07 -12.33
C PHE B 355 -28.89 23.27 -12.24
N GLN B 356 -29.61 23.57 -13.32
CA GLN B 356 -30.53 24.70 -13.31
C GLN B 356 -31.64 24.50 -12.27
N LYS B 357 -32.09 23.25 -12.19
CA LYS B 357 -33.17 22.87 -11.30
C LYS B 357 -32.79 23.03 -9.84
N GLN B 358 -31.61 22.51 -9.49
CA GLN B 358 -31.13 22.56 -8.13
C GLN B 358 -30.44 23.88 -7.74
N ASN B 359 -30.65 24.91 -8.56
CA ASN B 359 -30.11 26.25 -8.37
C ASN B 359 -28.58 26.35 -8.28
N VAL B 360 -27.89 25.53 -9.06
CA VAL B 360 -26.45 25.56 -9.05
C VAL B 360 -25.93 26.15 -10.36
N THR B 361 -25.03 27.11 -10.25
CA THR B 361 -24.47 27.78 -11.42
C THR B 361 -23.81 26.82 -12.40
N ILE B 362 -24.01 27.08 -13.69
CA ILE B 362 -23.41 26.30 -14.76
C ILE B 362 -23.74 26.99 -16.08
N MET B 363 -22.89 26.80 -17.08
CA MET B 363 -23.05 27.41 -18.40
C MET B 363 -22.85 26.37 -19.49
N ASP B 364 -23.73 26.40 -20.49
CA ASP B 364 -23.65 25.47 -21.60
C ASP B 364 -22.50 25.92 -22.51
N HIS B 365 -22.01 25.00 -23.35
CA HIS B 365 -20.88 25.29 -24.22
C HIS B 365 -21.11 26.33 -25.26
N HIS B 366 -22.32 26.42 -25.77
CA HIS B 366 -22.62 27.39 -26.81
C HIS B 366 -22.47 28.81 -26.25
N THR B 367 -23.17 29.08 -25.15
CA THR B 367 -23.11 30.39 -24.50
C THR B 367 -21.65 30.71 -24.11
N ALA B 368 -20.94 29.68 -23.60
CA ALA B 368 -19.55 29.79 -23.16
C ALA B 368 -18.65 30.25 -24.28
N SER B 369 -18.84 29.66 -25.45
CA SER B 369 -18.06 29.97 -26.64
C SER B 369 -18.24 31.43 -26.98
N GLU B 370 -19.50 31.84 -27.17
CA GLU B 370 -19.78 33.23 -27.51
C GLU B 370 -19.17 34.18 -26.50
N SER B 371 -19.13 33.72 -25.26
CA SER B 371 -18.57 34.49 -24.17
C SER B 371 -17.06 34.69 -24.42
N PHE B 372 -16.34 33.60 -24.69
CA PHE B 372 -14.90 33.69 -24.93
C PHE B 372 -14.57 34.55 -26.15
N MET B 373 -15.41 34.46 -27.18
CA MET B 373 -15.24 35.23 -28.39
C MET B 373 -15.30 36.72 -28.02
N LYS B 374 -16.30 37.07 -27.22
CA LYS B 374 -16.45 38.45 -26.79
C LYS B 374 -15.23 38.87 -26.02
N HIS B 375 -14.71 37.97 -25.22
CA HIS B 375 -13.52 38.25 -24.42
C HIS B 375 -12.31 38.53 -25.31
N MET B 376 -12.17 37.71 -26.35
CA MET B 376 -11.07 37.85 -27.28
C MET B 376 -11.06 39.23 -27.93
N GLN B 377 -12.19 39.61 -28.53
CA GLN B 377 -12.31 40.92 -29.16
C GLN B 377 -11.93 42.04 -28.22
N ASN B 378 -12.28 41.88 -26.94
CA ASN B 378 -11.96 42.87 -25.92
C ASN B 378 -10.47 42.86 -25.64
N GLU B 379 -9.87 41.67 -25.66
CA GLU B 379 -8.45 41.52 -25.40
C GLU B 379 -7.55 42.08 -26.50
N TYR B 380 -7.97 41.91 -27.76
CA TYR B 380 -7.20 42.43 -28.88
C TYR B 380 -7.28 43.95 -28.96
N ARG B 381 -8.25 44.54 -28.27
CA ARG B 381 -8.41 45.98 -28.21
C ARG B 381 -7.51 46.47 -27.09
N ALA B 382 -7.79 45.97 -25.89
CA ALA B 382 -7.04 46.35 -24.69
C ALA B 382 -5.55 46.22 -24.81
N ARG B 383 -5.07 45.07 -25.25
CA ARG B 383 -3.63 44.84 -25.40
C ARG B 383 -3.19 44.11 -26.66
N GLY B 384 -4.05 44.11 -27.67
CA GLY B 384 -3.72 43.47 -28.93
C GLY B 384 -3.18 42.07 -28.88
N GLY B 385 -3.92 41.16 -28.26
CA GLY B 385 -3.47 39.78 -28.18
C GLY B 385 -4.13 38.98 -27.08
N CYS B 386 -4.36 37.71 -27.37
CA CYS B 386 -4.96 36.80 -26.42
C CYS B 386 -4.46 35.38 -26.67
N PRO B 387 -3.62 34.86 -25.77
CA PRO B 387 -3.07 33.51 -25.90
C PRO B 387 -4.21 32.49 -25.86
N ALA B 388 -4.29 31.65 -26.87
CA ALA B 388 -5.37 30.67 -26.96
C ALA B 388 -4.97 29.32 -27.49
N ASP B 389 -5.37 28.26 -26.81
CA ASP B 389 -5.08 26.89 -27.24
C ASP B 389 -6.37 26.33 -27.89
N TRP B 390 -6.46 26.53 -29.19
CA TRP B 390 -7.62 26.06 -29.95
C TRP B 390 -8.07 24.67 -29.52
N ILE B 391 -7.15 23.71 -29.58
CA ILE B 391 -7.44 22.32 -29.20
C ILE B 391 -8.20 22.18 -27.88
N TRP B 392 -7.91 23.05 -26.93
CA TRP B 392 -8.58 22.97 -25.63
C TRP B 392 -9.85 23.82 -25.58
N LEU B 393 -9.84 24.95 -26.29
CA LEU B 393 -10.96 25.86 -26.30
C LEU B 393 -12.23 25.36 -26.99
N VAL B 394 -12.08 24.67 -28.11
CA VAL B 394 -13.25 24.14 -28.82
C VAL B 394 -13.87 23.02 -27.97
N PRO B 395 -15.15 23.17 -27.60
CA PRO B 395 -15.90 22.20 -26.79
C PRO B 395 -15.79 20.77 -27.33
N PRO B 396 -15.85 19.76 -26.45
CA PRO B 396 -15.76 18.33 -26.79
C PRO B 396 -16.90 17.74 -27.63
N VAL B 397 -17.87 18.58 -27.98
CA VAL B 397 -18.99 18.23 -28.86
C VAL B 397 -19.45 19.47 -29.61
N SER B 398 -20.05 19.23 -30.76
CA SER B 398 -20.58 20.29 -31.62
C SER B 398 -19.56 21.38 -31.93
N GLY B 399 -18.33 20.94 -32.17
CA GLY B 399 -17.24 21.84 -32.46
C GLY B 399 -17.52 22.99 -33.41
N SER B 400 -17.65 22.68 -34.70
CA SER B 400 -17.89 23.70 -35.71
C SER B 400 -19.17 24.48 -35.50
N ILE B 401 -20.09 23.91 -34.71
CA ILE B 401 -21.36 24.58 -34.43
C ILE B 401 -21.10 25.76 -33.49
N THR B 402 -19.91 25.81 -32.91
CA THR B 402 -19.55 26.90 -31.99
C THR B 402 -18.61 27.85 -32.75
N PRO B 403 -18.65 29.15 -32.44
CA PRO B 403 -17.80 30.14 -33.10
C PRO B 403 -16.29 29.96 -32.91
N VAL B 404 -15.87 29.55 -31.72
CA VAL B 404 -14.43 29.39 -31.45
C VAL B 404 -13.73 28.47 -32.41
N PHE B 405 -14.49 27.50 -32.93
CA PHE B 405 -13.94 26.56 -33.89
C PHE B 405 -13.45 27.24 -35.16
N HIS B 406 -14.14 28.30 -35.56
CA HIS B 406 -13.81 29.05 -36.77
C HIS B 406 -12.84 30.20 -36.58
N GLN B 407 -12.40 30.42 -35.36
CA GLN B 407 -11.48 31.50 -35.06
C GLN B 407 -10.03 31.03 -34.98
N GLU B 408 -9.19 31.55 -35.88
CA GLU B 408 -7.78 31.21 -35.86
C GLU B 408 -7.25 31.83 -34.58
N MET B 409 -6.26 31.18 -33.97
CA MET B 409 -5.71 31.70 -32.73
C MET B 409 -4.29 31.28 -32.46
N LEU B 410 -3.57 32.16 -31.78
CA LEU B 410 -2.17 31.94 -31.45
C LEU B 410 -2.04 31.51 -30.00
N ASN B 411 -1.17 30.54 -29.75
CA ASN B 411 -0.96 30.05 -28.40
C ASN B 411 0.49 30.35 -27.97
N TYR B 412 0.66 31.10 -26.89
CA TYR B 412 2.00 31.42 -26.40
C TYR B 412 1.95 31.59 -24.88
N VAL B 413 3.07 31.37 -24.20
CA VAL B 413 3.13 31.48 -22.73
C VAL B 413 3.60 32.84 -22.23
N LEU B 414 2.72 33.57 -21.52
CA LEU B 414 3.11 34.86 -20.97
C LEU B 414 3.43 34.72 -19.49
N SER B 415 3.31 35.83 -18.77
CA SER B 415 3.58 35.84 -17.34
C SER B 415 2.86 37.04 -16.73
N PRO B 416 2.25 36.84 -15.55
CA PRO B 416 2.14 35.62 -14.74
C PRO B 416 1.50 34.45 -15.50
N PHE B 417 1.65 33.26 -14.94
CA PHE B 417 1.15 32.07 -15.61
C PHE B 417 0.91 30.91 -14.63
N TYR B 418 -0.02 30.04 -15.02
CA TYR B 418 -0.35 28.85 -14.25
C TYR B 418 0.24 27.65 -15.00
N TYR B 419 1.30 27.07 -14.44
CA TYR B 419 1.96 25.90 -15.05
C TYR B 419 1.56 24.62 -14.35
N TYR B 420 1.74 23.50 -15.05
CA TYR B 420 1.45 22.18 -14.48
C TYR B 420 2.67 21.84 -13.63
N GLN B 421 2.53 20.83 -12.79
CA GLN B 421 3.65 20.42 -11.96
C GLN B 421 3.88 18.92 -12.10
N ILE B 422 5.03 18.45 -11.66
CA ILE B 422 5.36 17.03 -11.70
C ILE B 422 4.61 16.41 -10.53
N GLU B 423 3.98 15.26 -10.75
CA GLU B 423 3.24 14.59 -9.69
C GLU B 423 4.17 14.42 -8.49
N PRO B 424 3.86 15.11 -7.38
CA PRO B 424 4.61 15.13 -6.11
C PRO B 424 5.15 13.79 -5.58
N TRP B 425 4.31 12.75 -5.56
CA TRP B 425 4.76 11.46 -5.05
C TRP B 425 5.89 10.82 -5.84
N LYS B 426 6.40 11.53 -6.83
CA LYS B 426 7.50 11.03 -7.64
C LYS B 426 8.77 11.84 -7.38
N THR B 427 8.69 12.83 -6.50
CA THR B 427 9.86 13.66 -6.19
C THR B 427 10.03 13.89 -4.69
N HIS B 428 8.96 13.64 -3.95
CA HIS B 428 8.98 13.82 -2.50
C HIS B 428 9.75 12.73 -1.80
N ILE B 429 10.87 13.11 -1.19
CA ILE B 429 11.72 12.19 -0.43
C ILE B 429 11.06 12.02 0.94
N TRP B 430 10.48 10.85 1.17
CA TRP B 430 9.79 10.57 2.42
C TRP B 430 10.65 10.58 3.68
N GLN B 431 10.27 11.43 4.64
CA GLN B 431 11.00 11.56 5.90
C GLN B 431 10.91 10.26 6.73
N ASN B 432 9.85 10.14 7.52
CA ASN B 432 9.63 8.96 8.35
C ASN B 432 8.60 8.03 7.73
CHA HEM C . 5.72 -26.57 17.24
CHB HEM C . 3.85 -30.84 16.02
CHC HEM C . 7.88 -31.71 13.58
CHD HEM C . 9.95 -27.83 15.41
C1A HEM C . 4.82 -27.62 17.04
C2A HEM C . 3.41 -27.57 17.45
C3A HEM C . 2.92 -28.83 17.16
C4A HEM C . 3.99 -29.58 16.55
CMA HEM C . 1.55 -29.36 17.51
CAA HEM C . 2.66 -26.36 17.98
CBA HEM C . 2.21 -25.48 16.81
CGA HEM C . 1.38 -24.28 17.28
O1A HEM C . 1.58 -23.17 16.75
O2A HEM C . 0.51 -24.45 18.17
C1B HEM C . 4.83 -31.51 15.31
C2B HEM C . 4.61 -32.75 14.65
C3B HEM C . 5.74 -33.03 13.93
C4B HEM C . 6.66 -31.92 14.17
CMB HEM C . 3.32 -33.61 14.74
CAB HEM C . 5.89 -34.12 13.06
CBB HEM C . 7.01 -34.68 12.45
C1C HEM C . 8.77 -30.67 13.78
C2C HEM C . 10.07 -30.56 13.18
C3C HEM C . 10.73 -29.50 13.77
C4C HEM C . 9.76 -28.99 14.71
CMC HEM C . 10.59 -31.48 12.09
CAC HEM C . 11.98 -28.92 13.49
CBC HEM C . 13.00 -29.39 12.67
C1D HEM C . 8.99 -27.13 16.15
C2D HEM C . 9.16 -25.84 16.79
C3D HEM C . 7.96 -25.50 17.22
C4D HEM C . 7.04 -26.54 16.90
CMD HEM C . 10.44 -25.04 16.97
CAD HEM C . 7.57 -24.23 17.80
CBD HEM C . 7.03 -23.24 16.79
CGD HEM C . 6.63 -21.96 17.48
O1D HEM C . 5.72 -21.24 17.01
O2D HEM C . 7.22 -21.70 18.55
NA HEM C . 5.14 -28.83 16.48
NB HEM C . 6.09 -31.01 15.04
NC HEM C . 8.58 -29.69 14.69
ND HEM C . 7.67 -27.55 16.25
FE HEM C . 7.03 -29.45 15.97
N1 H4B D . -0.15 -23.82 22.65
C2 H4B D . 0.22 -24.02 21.37
N2 H4B D . 0.55 -25.22 20.95
N3 H4B D . 0.20 -23.03 20.49
C4 H4B D . -0.23 -21.82 20.84
O4 H4B D . -0.48 -20.94 20.01
C4A H4B D . -0.42 -21.52 22.20
C8A H4B D . -0.31 -22.57 23.11
N5 H4B D . -0.71 -20.29 22.60
N8 H4B D . -0.35 -22.33 24.42
C6 H4B D . -0.99 -20.07 23.89
C7 H4B D . -0.84 -21.09 24.85
C9 H4B D . -1.30 -18.63 24.22
O9 H4B D . -2.63 -18.20 23.93
C10 H4B D . -0.98 -18.37 25.68
C11 H4B D . -1.36 -16.94 26.03
O10 H4B D . 0.42 -18.57 25.89
C1 BVF E . 4.05 -26.78 13.76
C2 BVF E . 5.37 -26.72 13.37
C3 BVF E . 5.96 -27.85 12.80
C4 BVF E . 5.18 -29.00 12.66
C5 BVF E . 3.85 -28.98 13.10
N6 BVF E . 3.29 -27.88 13.63
N7 BVF E . 3.08 -30.09 12.99
C8 BVF E . 7.40 -27.83 12.35
CHA HEM F . -9.39 25.21 -17.88
CHB HEM F . -13.90 26.78 -17.69
CHC HEM F . -12.66 29.77 -14.26
CHD HEM F . -8.02 28.71 -14.84
C1A HEM F . -10.76 25.28 -18.07
C2A HEM F . -11.56 24.35 -18.86
C3A HEM F . -12.81 24.86 -18.85
C4A HEM F . -12.79 26.06 -18.06
CMA HEM F . -13.97 24.30 -19.63
CAA HEM F . -11.13 23.05 -19.53
CBA HEM F . -11.20 21.97 -18.44
CGA HEM F . -10.73 20.61 -18.91
O1A HEM F . -10.15 19.87 -18.08
O2A HEM F . -10.94 20.28 -20.09
C1B HEM F . -13.98 27.81 -16.78
C2B HEM F . -15.17 28.47 -16.40
C3B HEM F . -14.86 29.32 -15.41
C4B HEM F . -13.43 29.15 -15.19
CMB HEM F . -16.55 28.31 -17.04
CAB HEM F . -15.81 30.08 -14.77
CBB HEM F . -15.65 31.21 -13.94
C1C HEM F . -11.27 29.72 -14.05
C2C HEM F . -10.54 30.46 -13.04
C3C HEM F . -9.20 30.23 -13.26
C4C HEM F . -9.17 29.32 -14.35
CMC HEM F . -11.21 31.23 -11.92
CAC HEM F . -8.07 30.71 -12.61
CBC HEM F . -8.05 31.62 -11.57
C1D HEM F . -7.97 27.68 -15.81
C2D HEM F . -6.78 26.93 -16.19
C3D HEM F . -7.18 25.93 -17.01
C4D HEM F . -8.58 26.07 -17.15
CMD HEM F . -5.36 27.14 -15.68
CAD HEM F . -6.38 24.74 -17.44
CBD HEM F . -6.33 23.70 -16.34
CGD HEM F . -6.09 22.30 -16.88
O1D HEM F . -6.88 21.40 -16.54
O2D HEM F . -5.14 22.12 -17.67
NA HEM F . -11.54 26.31 -17.59
NB HEM F . -12.91 28.25 -16.04
NC HEM F . -10.44 29.03 -14.82
ND HEM F . -9.06 27.14 -16.45
FE HEM F . -10.96 27.89 -16.46
N1 H4B G . -9.55 19.85 -24.48
C2 H4B G . -9.91 20.00 -23.19
N2 H4B G . -10.61 21.06 -22.83
N3 H4B G . -9.62 19.08 -22.26
C4 H4B G . -8.98 17.97 -22.59
O4 H4B G . -8.82 17.04 -21.79
C4A H4B G . -8.46 17.82 -23.90
C8A H4B G . -8.85 18.77 -24.86
N5 H4B G . -7.66 16.80 -24.24
N8 H4B G . -8.53 18.60 -26.14
C6 H4B G . -7.19 16.72 -25.49
C7 H4B G . -7.62 17.61 -26.48
C9 H4B G . -6.32 15.49 -25.78
O9 H4B G . -7.02 14.24 -25.78
C10 H4B G . -5.58 15.63 -27.09
C11 H4B G . -4.75 14.39 -27.32
O10 H4B G . -4.72 16.77 -27.05
C1 BVF H . -11.79 23.55 -15.27
C2 BVF H . -11.02 24.37 -14.45
C3 BVF H . -11.61 25.47 -13.85
C4 BVF H . -12.98 25.71 -14.09
C5 BVF H . -13.68 24.83 -14.94
N6 BVF H . -13.10 23.76 -15.52
N7 BVF H . -14.98 25.04 -15.19
C8 BVF H . -10.80 26.38 -12.95
#